data_5C9X
#
_entry.id   5C9X
#
_cell.length_a   79.359
_cell.length_b   79.359
_cell.length_c   225.310
_cell.angle_alpha   90.00
_cell.angle_beta   90.00
_cell.angle_gamma   90.00
#
_symmetry.space_group_name_H-M   'P 43 21 2'
#
loop_
_entity.id
_entity.type
_entity.pdbx_description
1 polymer 'Malate synthase G'
2 non-polymer 'MAGNESIUM ION'
3 non-polymer '2,4-dichloro-5-fluorobenzoic acid'
4 water water
#
_entity_poly.entity_id   1
_entity_poly.type   'polypeptide(L)'
_entity_poly.pdbx_seq_one_letter_code
;MTDRVSVGNLRIARVLYDFVNNEALPGTDIDPDSFWAGVDKVVADLTPQNQALLNARDELQAQIDKWHRRRVIEPIDMDA
YRQFLTEIGYLLPEPDDFTITTSGVDAEITTTAGPQLVVPVLNARFALNAANARWGSLYDALYGTDVIPETDGAEKGPTY
NKVRGDKVIAYARKFLDDSVPLSSGSFGDATGFTVQDGQLVVALPDKSTGLANPGQFAGYTGAAESPTSVLLINHGLHIE
ILIDPESQVGTTDRAGVKDVILESAITTIMDFEDSVAAVDAADKVLGYRNWLGLNKGDLAAAVDKDGTAFLRVLNRDRNY
TAPGGGQFTLPGRSLMFVRNVGHLMTNDAIVDTDGSEVFEGIMDALFTGLIAIHGLKASDVNGPLINSRTGSIYIVKPKM
HGPAEVAFTCELFSRVEDVLGLPQNTMKIGIMDEERRTTVNLKACIKAAADRVVFINTGFLDRTGDEIHTSMEAGPMVRK
GTMKSQPWILAYEDHNVDAGLAAGFSGRAQVGKGMWTMTELMADMVETKIAQPRAGASTAWVPSPTAATLHALHYHQVDV
AAVQQGLAGKRRATIEQLLTIPLAKELAWAPDEIREEVDNNCQSILGYVVRWVDQGVGASKVPDIHDVALMEDRATLRIS
SQLLANWLRHGVITSADVRASLERMAPLVDRQNAGDVAYRPMAPNFDDSIAFLAAQELILSGAQQPNGYTEPILHRRRRE
FKARAAEKPAPSDRAGDDAAR
;
_entity_poly.pdbx_strand_id   A
#
# COMPACT_ATOMS: atom_id res chain seq x y z
N THR A 2 -2.19 29.02 25.20
CA THR A 2 -2.16 27.65 24.71
C THR A 2 -1.15 26.80 25.45
N ASP A 3 -1.04 25.55 25.02
CA ASP A 3 -0.08 24.61 25.56
C ASP A 3 0.88 24.24 24.45
N ARG A 4 1.50 25.26 23.87
CA ARG A 4 2.50 25.05 22.84
C ARG A 4 3.89 25.46 23.33
N VAL A 5 4.91 24.89 22.71
CA VAL A 5 6.28 25.21 23.04
C VAL A 5 6.82 26.09 21.91
N SER A 6 7.49 27.19 22.26
CA SER A 6 8.00 28.10 21.25
C SER A 6 9.43 27.74 20.89
N VAL A 7 9.68 27.61 19.58
CA VAL A 7 10.99 27.29 19.05
C VAL A 7 11.09 28.11 17.78
N GLY A 8 11.90 29.16 17.82
CA GLY A 8 11.94 30.13 16.73
C GLY A 8 10.54 30.56 16.34
N ASN A 9 10.22 30.44 15.06
CA ASN A 9 8.92 30.86 14.53
C ASN A 9 7.81 29.85 14.79
N LEU A 10 8.17 28.71 15.37
CA LEU A 10 7.19 27.63 15.52
C LEU A 10 6.61 27.52 16.93
N ARG A 11 5.35 27.11 16.99
CA ARG A 11 4.67 26.83 18.25
C ARG A 11 4.19 25.39 18.23
N ILE A 12 4.95 24.52 18.89
CA ILE A 12 4.76 23.07 18.82
C ILE A 12 3.82 22.57 19.89
N ALA A 13 2.85 21.73 19.50
CA ALA A 13 1.93 21.12 20.45
C ALA A 13 2.70 20.34 21.52
N ARG A 14 2.36 20.56 22.78
CA ARG A 14 3.13 19.99 23.89
C ARG A 14 3.22 18.46 23.79
N VAL A 15 2.14 17.82 23.37
CA VAL A 15 2.11 16.36 23.27
C VAL A 15 3.14 15.86 22.27
N LEU A 16 3.39 16.67 21.24
CA LEU A 16 4.37 16.30 20.22
C LEU A 16 5.78 16.58 20.72
N TYR A 17 5.94 17.74 21.33
CA TYR A 17 7.22 18.14 21.88
C TYR A 17 7.72 17.12 22.88
N ASP A 18 6.87 16.77 23.84
CA ASP A 18 7.18 15.76 24.85
C ASP A 18 7.51 14.40 24.22
N PHE A 19 6.66 13.95 23.29
CA PHE A 19 6.86 12.63 22.67
C PHE A 19 8.22 12.58 22.04
N VAL A 20 8.58 13.63 21.31
CA VAL A 20 9.88 13.66 20.65
C VAL A 20 11.03 13.68 21.66
N ASN A 21 10.94 14.53 22.68
CA ASN A 21 11.99 14.60 23.69
C ASN A 21 12.13 13.37 24.56
N ASN A 22 11.01 12.84 25.03
CA ASN A 22 11.03 11.72 25.96
C ASN A 22 11.11 10.33 25.30
N GLU A 23 10.71 10.22 24.05
CA GLU A 23 10.60 8.89 23.40
C GLU A 23 11.43 8.75 22.14
N ALA A 24 11.33 9.71 21.23
CA ALA A 24 12.00 9.62 19.96
C ALA A 24 13.50 9.93 20.01
N LEU A 25 13.86 11.05 20.64
CA LEU A 25 15.26 11.48 20.67
C LEU A 25 16.27 10.59 21.44
N PRO A 26 15.87 10.09 22.63
CA PRO A 26 16.86 9.32 23.42
C PRO A 26 17.35 8.08 22.70
N GLY A 27 18.67 7.98 22.56
CA GLY A 27 19.26 6.84 21.89
C GLY A 27 19.72 7.18 20.49
N THR A 28 19.40 8.38 20.03
CA THR A 28 19.79 8.79 18.68
C THR A 28 21.13 9.55 18.70
N ASP A 29 21.49 10.07 19.87
CA ASP A 29 22.68 10.92 20.09
C ASP A 29 22.55 12.28 19.41
N ILE A 30 21.34 12.59 18.95
CA ILE A 30 21.07 13.90 18.37
C ILE A 30 20.73 14.90 19.48
N ASP A 31 21.38 16.06 19.45
CA ASP A 31 21.12 17.09 20.45
C ASP A 31 19.69 17.63 20.35
N PRO A 32 18.92 17.52 21.44
CA PRO A 32 17.52 17.97 21.39
C PRO A 32 17.37 19.43 20.95
N ASP A 33 18.10 20.39 21.51
CA ASP A 33 17.92 21.79 21.06
C ASP A 33 18.35 21.90 19.58
N SER A 34 19.36 21.14 19.16
CA SER A 34 19.76 21.19 17.76
C SER A 34 18.73 20.55 16.83
N PHE A 35 18.04 19.53 17.31
CA PHE A 35 16.98 18.94 16.52
C PHE A 35 15.88 19.95 16.26
N TRP A 36 15.39 20.58 17.31
CA TRP A 36 14.29 21.52 17.17
C TRP A 36 14.67 22.76 16.37
N ALA A 37 15.94 23.16 16.46
CA ALA A 37 16.48 24.23 15.64
C ALA A 37 16.42 23.84 14.17
N GLY A 38 16.81 22.60 13.87
CA GLY A 38 16.68 22.07 12.54
C GLY A 38 15.25 22.10 12.00
N VAL A 39 14.29 21.71 12.82
CA VAL A 39 12.88 21.71 12.44
C VAL A 39 12.41 23.10 12.01
N ASP A 40 12.65 24.09 12.88
CA ASP A 40 12.31 25.48 12.59
C ASP A 40 12.97 25.98 11.29
N LYS A 41 14.25 25.70 11.11
CA LYS A 41 14.98 26.06 9.90
C LYS A 41 14.44 25.38 8.62
N VAL A 42 14.26 24.06 8.70
CA VAL A 42 13.77 23.31 7.55
C VAL A 42 12.37 23.76 7.15
N VAL A 43 11.49 23.93 8.13
CA VAL A 43 10.15 24.42 7.86
C VAL A 43 10.16 25.83 7.27
N ALA A 44 10.97 26.72 7.85
CA ALA A 44 11.08 28.08 7.31
C ALA A 44 11.62 28.07 5.87
N ASP A 45 12.62 27.24 5.60
CA ASP A 45 13.28 27.26 4.30
C ASP A 45 12.45 26.61 3.18
N LEU A 46 11.70 25.55 3.51
CA LEU A 46 11.07 24.75 2.47
C LEU A 46 9.61 25.07 2.23
N THR A 47 8.97 25.72 3.19
CA THR A 47 7.55 26.06 3.10
C THR A 47 7.19 26.88 1.83
N PRO A 48 7.98 27.91 1.49
CA PRO A 48 7.56 28.65 0.28
C PRO A 48 7.54 27.78 -0.99
N GLN A 49 8.57 26.97 -1.15
CA GLN A 49 8.68 26.11 -2.32
C GLN A 49 7.54 25.09 -2.31
N ASN A 50 7.26 24.53 -1.13
CA ASN A 50 6.09 23.69 -0.94
C ASN A 50 4.82 24.36 -1.44
N GLN A 51 4.60 25.61 -1.02
CA GLN A 51 3.40 26.35 -1.40
C GLN A 51 3.37 26.67 -2.90
N ALA A 52 4.53 27.01 -3.43
CA ALA A 52 4.69 27.34 -4.85
C ALA A 52 4.30 26.16 -5.73
N LEU A 53 4.66 24.95 -5.30
CA LEU A 53 4.36 23.73 -6.07
C LEU A 53 2.85 23.46 -6.10
N LEU A 54 2.18 23.64 -4.97
CA LEU A 54 0.74 23.53 -4.89
C LEU A 54 0.01 24.56 -5.74
N ASN A 55 0.52 25.79 -5.76
CA ASN A 55 -0.06 26.85 -6.59
C ASN A 55 0.13 26.52 -8.07
N ALA A 56 1.26 25.92 -8.39
CA ALA A 56 1.54 25.49 -9.77
C ALA A 56 0.53 24.41 -10.25
N ARG A 57 0.13 23.53 -9.34
CA ARG A 57 -0.90 22.55 -9.66
C ARG A 57 -2.19 23.28 -10.05
N ASP A 58 -2.57 24.26 -9.23
CA ASP A 58 -3.77 25.05 -9.46
C ASP A 58 -3.69 25.77 -10.80
N GLU A 59 -2.57 26.46 -11.04
CA GLU A 59 -2.36 27.20 -12.28
C GLU A 59 -2.53 26.31 -13.51
N LEU A 60 -1.90 25.14 -13.46
CA LEU A 60 -1.99 24.17 -14.54
C LEU A 60 -3.44 23.73 -14.77
N GLN A 61 -4.15 23.40 -13.70
CA GLN A 61 -5.51 22.87 -13.81
C GLN A 61 -6.49 23.90 -14.39
N ALA A 62 -6.34 25.15 -13.98
CA ALA A 62 -7.19 26.21 -14.51
C ALA A 62 -7.06 26.29 -16.04
N GLN A 63 -5.84 26.16 -16.53
CA GLN A 63 -5.59 26.23 -17.98
C GLN A 63 -6.19 25.05 -18.73
N ILE A 64 -6.11 23.87 -18.13
CA ILE A 64 -6.77 22.71 -18.71
C ILE A 64 -8.28 22.90 -18.70
N ASP A 65 -8.81 23.38 -17.56
CA ASP A 65 -10.25 23.67 -17.46
C ASP A 65 -10.69 24.60 -18.60
N LYS A 66 -9.95 25.67 -18.80
CA LYS A 66 -10.31 26.68 -19.78
C LYS A 66 -10.19 26.16 -21.19
N TRP A 67 -9.18 25.34 -21.44
CA TRP A 67 -9.00 24.72 -22.74
C TRP A 67 -10.22 23.87 -23.10
N HIS A 68 -10.70 23.06 -22.17
CA HIS A 68 -11.87 22.22 -22.43
C HIS A 68 -13.14 23.06 -22.61
N ARG A 69 -13.30 24.08 -21.79
CA ARG A 69 -14.53 24.88 -21.79
C ARG A 69 -14.62 25.77 -23.02
N ARG A 70 -13.48 26.03 -23.64
CA ARG A 70 -13.41 27.00 -24.72
C ARG A 70 -13.62 26.32 -26.07
N ARG A 71 -13.88 25.01 -26.08
CA ARG A 71 -14.19 24.33 -27.35
C ARG A 71 -15.51 23.58 -27.42
N VAL A 72 -15.89 23.33 -28.66
CA VAL A 72 -17.15 22.71 -28.99
C VAL A 72 -16.87 21.40 -29.72
N ILE A 73 -15.69 21.31 -30.33
CA ILE A 73 -15.29 20.13 -31.12
C ILE A 73 -15.42 18.85 -30.30
N GLU A 74 -16.27 17.94 -30.77
CA GLU A 74 -16.73 16.83 -29.94
C GLU A 74 -15.65 15.77 -29.67
N PRO A 75 -15.06 15.16 -30.71
CA PRO A 75 -13.96 14.25 -30.37
C PRO A 75 -12.66 15.02 -30.15
N ILE A 76 -11.93 14.69 -29.09
CA ILE A 76 -10.71 15.40 -28.72
C ILE A 76 -9.63 15.32 -29.79
N ASP A 77 -9.23 16.46 -30.32
CA ASP A 77 -8.08 16.55 -31.23
C ASP A 77 -6.79 16.29 -30.43
N MET A 78 -6.30 15.05 -30.49
CA MET A 78 -5.16 14.64 -29.68
C MET A 78 -3.86 15.40 -29.99
N ASP A 79 -3.61 15.71 -31.25
CA ASP A 79 -2.42 16.47 -31.63
C ASP A 79 -2.42 17.82 -30.94
N ALA A 80 -3.57 18.47 -31.00
CA ALA A 80 -3.73 19.79 -30.41
C ALA A 80 -3.66 19.72 -28.88
N TYR A 81 -4.31 18.71 -28.31
CA TYR A 81 -4.32 18.52 -26.86
C TYR A 81 -2.90 18.32 -26.35
N ARG A 82 -2.15 17.47 -27.05
CA ARG A 82 -0.80 17.14 -26.65
C ARG A 82 0.14 18.35 -26.75
N GLN A 83 0.05 19.11 -27.83
CA GLN A 83 0.90 20.30 -27.97
C GLN A 83 0.52 21.39 -26.98
N PHE A 84 -0.75 21.41 -26.59
CA PHE A 84 -1.21 22.34 -25.57
C PHE A 84 -0.60 21.97 -24.23
N LEU A 85 -0.65 20.70 -23.87
CA LEU A 85 -0.09 20.26 -22.58
C LEU A 85 1.41 20.53 -22.51
N THR A 86 2.08 20.41 -23.65
CA THR A 86 3.51 20.70 -23.74
C THR A 86 3.77 22.19 -23.54
N GLU A 87 3.01 23.00 -24.27
CA GLU A 87 3.13 24.45 -24.19
C GLU A 87 3.04 25.00 -22.77
N ILE A 88 2.13 24.46 -21.95
CA ILE A 88 1.89 24.99 -20.62
C ILE A 88 2.80 24.39 -19.55
N GLY A 89 3.72 23.52 -19.96
CA GLY A 89 4.64 22.88 -19.03
C GLY A 89 4.05 21.74 -18.22
N TYR A 90 2.98 21.14 -18.71
CA TYR A 90 2.33 20.01 -18.07
C TYR A 90 3.06 18.75 -18.50
N LEU A 91 3.23 18.65 -19.81
CA LEU A 91 3.95 17.54 -20.41
C LEU A 91 5.38 18.01 -20.63
N LEU A 92 6.33 17.43 -19.89
CA LEU A 92 7.71 17.87 -20.01
C LEU A 92 8.49 16.95 -20.94
N PRO A 93 9.58 17.47 -21.54
CA PRO A 93 10.42 16.63 -22.38
C PRO A 93 10.97 15.42 -21.63
N GLU A 94 11.13 14.33 -22.35
CA GLU A 94 11.61 13.08 -21.78
C GLU A 94 13.14 13.07 -21.78
N PRO A 95 13.75 12.87 -20.60
CA PRO A 95 15.22 12.85 -20.51
C PRO A 95 15.79 11.67 -21.28
N ASP A 96 17.09 11.69 -21.54
CA ASP A 96 17.73 10.56 -22.19
C ASP A 96 17.77 9.37 -21.24
N ASP A 97 18.05 8.19 -21.78
CA ASP A 97 18.18 6.97 -20.99
C ASP A 97 19.20 7.14 -19.85
N PHE A 98 18.90 6.54 -18.71
CA PHE A 98 19.79 6.58 -17.56
C PHE A 98 19.55 5.34 -16.74
N THR A 99 20.41 5.10 -15.75
CA THR A 99 20.25 3.98 -14.84
C THR A 99 20.32 4.52 -13.43
N ILE A 100 19.44 4.07 -12.54
CA ILE A 100 19.45 4.56 -11.17
C ILE A 100 20.72 4.14 -10.45
N THR A 101 21.16 4.98 -9.51
CA THR A 101 22.42 4.76 -8.78
C THR A 101 22.17 4.55 -7.29
N THR A 102 20.91 4.34 -6.93
CA THR A 102 20.55 4.11 -5.54
C THR A 102 21.31 2.92 -4.96
N SER A 103 21.94 3.10 -3.81
CA SER A 103 22.75 2.02 -3.23
C SER A 103 22.48 1.85 -1.74
N GLY A 104 23.01 0.77 -1.17
CA GLY A 104 22.80 0.49 0.24
C GLY A 104 21.38 0.05 0.54
N VAL A 105 20.78 -0.63 -0.43
CA VAL A 105 19.40 -1.09 -0.32
C VAL A 105 19.32 -2.58 0.04
N ASP A 106 18.43 -2.92 0.97
CA ASP A 106 18.28 -4.30 1.41
C ASP A 106 17.84 -5.23 0.28
N ALA A 107 18.17 -6.52 0.43
CA ALA A 107 17.89 -7.49 -0.61
C ALA A 107 16.40 -7.69 -0.82
N GLU A 108 15.60 -7.42 0.21
CA GLU A 108 14.16 -7.59 0.08
C GLU A 108 13.61 -6.69 -1.01
N ILE A 109 14.25 -5.54 -1.21
CA ILE A 109 13.80 -4.57 -2.21
C ILE A 109 14.50 -4.72 -3.56
N THR A 110 15.81 -4.89 -3.55
CA THR A 110 16.55 -4.98 -4.81
C THR A 110 16.26 -6.25 -5.59
N THR A 111 16.03 -7.34 -4.88
CA THR A 111 16.16 -8.66 -5.49
C THR A 111 14.93 -9.53 -5.35
N THR A 112 14.41 -9.64 -4.13
CA THR A 112 13.33 -10.58 -3.87
C THR A 112 12.01 -10.06 -4.40
N ALA A 113 11.33 -10.87 -5.21
CA ALA A 113 10.02 -10.45 -5.67
C ALA A 113 8.97 -11.18 -4.84
N GLY A 114 7.98 -10.44 -4.35
CA GLY A 114 6.95 -11.04 -3.51
C GLY A 114 5.98 -10.02 -2.99
N PRO A 115 4.98 -10.47 -2.21
CA PRO A 115 3.90 -9.60 -1.71
C PRO A 115 4.39 -8.43 -0.84
N GLN A 116 3.71 -7.30 -0.96
CA GLN A 116 4.00 -6.14 -0.13
C GLN A 116 2.72 -5.73 0.59
N LEU A 117 2.77 -5.77 1.93
CA LEU A 117 1.61 -5.49 2.77
C LEU A 117 1.57 -4.02 3.18
N VAL A 118 0.40 -3.41 3.10
CA VAL A 118 0.26 -2.04 3.57
C VAL A 118 -0.77 -2.02 4.70
N VAL A 119 -0.42 -1.38 5.82
CA VAL A 119 -1.33 -1.32 6.97
C VAL A 119 -1.34 0.07 7.62
N PRO A 120 -2.49 0.45 8.23
CA PRO A 120 -2.57 1.73 8.96
C PRO A 120 -1.66 1.72 10.19
N VAL A 121 -0.73 2.68 10.25
CA VAL A 121 0.23 2.72 11.36
C VAL A 121 -0.41 2.99 12.73
N LEU A 122 -1.60 3.59 12.74
CA LEU A 122 -2.31 3.91 13.98
C LEU A 122 -2.95 2.69 14.66
N ASN A 123 -2.95 1.55 13.97
CA ASN A 123 -3.46 0.32 14.56
C ASN A 123 -2.33 -0.60 14.97
N ALA A 124 -1.97 -0.56 16.26
CA ALA A 124 -0.81 -1.30 16.75
C ALA A 124 -0.90 -2.80 16.48
N ARG A 125 -2.08 -3.38 16.70
CA ARG A 125 -2.32 -4.79 16.41
C ARG A 125 -2.06 -5.15 14.94
N PHE A 126 -2.64 -4.40 14.01
CA PHE A 126 -2.44 -4.67 12.59
C PHE A 126 -0.99 -4.46 12.17
N ALA A 127 -0.34 -3.43 12.72
CA ALA A 127 1.03 -3.16 12.33
C ALA A 127 1.92 -4.28 12.84
N LEU A 128 1.62 -4.77 14.04
CA LEU A 128 2.36 -5.85 14.63
C LEU A 128 2.16 -7.12 13.78
N ASN A 129 0.91 -7.42 13.49
CA ASN A 129 0.57 -8.58 12.66
C ASN A 129 1.26 -8.54 11.31
N ALA A 130 1.26 -7.36 10.71
CA ALA A 130 1.86 -7.19 9.39
C ALA A 130 3.36 -7.42 9.43
N ALA A 131 4.02 -6.83 10.41
CA ALA A 131 5.45 -7.01 10.59
C ALA A 131 5.78 -8.50 10.72
N ASN A 132 4.93 -9.24 11.43
CA ASN A 132 5.08 -10.67 11.65
C ASN A 132 4.65 -11.53 10.45
N ALA A 133 4.04 -10.90 9.46
CA ALA A 133 3.49 -11.61 8.31
C ALA A 133 4.54 -12.01 7.25
N ARG A 134 5.82 -11.77 7.53
CA ARG A 134 6.92 -12.31 6.72
C ARG A 134 6.76 -13.84 6.52
N TRP A 135 6.27 -14.52 7.54
CA TRP A 135 6.04 -15.96 7.46
C TRP A 135 4.59 -16.23 7.82
N GLY A 136 3.94 -17.08 7.04
CA GLY A 136 2.53 -17.35 7.24
C GLY A 136 2.19 -18.79 6.87
N SER A 137 1.23 -19.36 7.59
CA SER A 137 0.78 -20.74 7.37
C SER A 137 -0.04 -20.86 6.09
N LEU A 138 0.42 -21.69 5.16
CA LEU A 138 -0.38 -21.93 3.96
C LEU A 138 -1.67 -22.66 4.32
N TYR A 139 -1.59 -23.61 5.25
CA TYR A 139 -2.76 -24.42 5.60
C TYR A 139 -3.87 -23.53 6.14
N ASP A 140 -3.51 -22.63 7.05
CA ASP A 140 -4.49 -21.75 7.65
C ASP A 140 -5.12 -20.87 6.58
N ALA A 141 -4.30 -20.42 5.63
CA ALA A 141 -4.76 -19.53 4.58
C ALA A 141 -5.71 -20.26 3.63
N LEU A 142 -5.45 -21.53 3.38
CA LEU A 142 -6.34 -22.33 2.51
C LEU A 142 -7.61 -22.78 3.23
N TYR A 143 -7.46 -23.29 4.45
CA TYR A 143 -8.59 -23.78 5.22
C TYR A 143 -9.55 -22.64 5.53
N GLY A 144 -8.99 -21.49 5.87
CA GLY A 144 -9.76 -20.38 6.40
C GLY A 144 -10.42 -19.48 5.36
N THR A 145 -10.08 -19.65 4.09
CA THR A 145 -10.66 -18.82 3.03
C THR A 145 -11.41 -19.66 2.01
N ASP A 146 -11.96 -19.00 1.00
CA ASP A 146 -12.73 -19.69 -0.02
C ASP A 146 -11.87 -20.23 -1.15
N VAL A 147 -10.54 -20.18 -1.00
CA VAL A 147 -9.66 -20.79 -1.98
C VAL A 147 -9.98 -22.29 -2.08
N ILE A 148 -10.27 -22.91 -0.95
CA ILE A 148 -10.86 -24.24 -0.94
C ILE A 148 -12.38 -24.09 -0.85
N PRO A 149 -13.09 -24.49 -1.92
CA PRO A 149 -14.55 -24.34 -1.98
C PRO A 149 -15.25 -24.99 -0.79
N GLU A 150 -16.32 -24.37 -0.30
CA GLU A 150 -17.08 -24.92 0.81
C GLU A 150 -18.16 -25.85 0.25
N THR A 151 -17.77 -26.69 -0.70
CA THR A 151 -18.68 -27.64 -1.33
C THR A 151 -19.55 -28.34 -0.29
N ASP A 152 -20.64 -28.95 -0.74
CA ASP A 152 -21.53 -29.67 0.17
C ASP A 152 -20.76 -30.82 0.82
N GLY A 153 -19.47 -30.64 1.01
CA GLY A 153 -18.65 -31.67 1.63
C GLY A 153 -17.49 -31.13 2.44
N ALA A 154 -17.03 -29.93 2.10
CA ALA A 154 -15.92 -29.31 2.81
C ALA A 154 -16.33 -27.97 3.43
N GLU A 155 -17.47 -27.95 4.11
CA GLU A 155 -17.95 -26.74 4.75
C GLU A 155 -17.32 -26.51 6.12
N LYS A 156 -16.86 -25.28 6.36
CA LYS A 156 -16.25 -24.94 7.64
C LYS A 156 -17.30 -25.03 8.74
N GLY A 157 -16.96 -25.71 9.83
CA GLY A 157 -17.86 -25.83 10.96
C GLY A 157 -17.25 -25.16 12.16
N PRO A 158 -17.87 -25.32 13.34
CA PRO A 158 -17.27 -24.79 14.57
C PRO A 158 -16.03 -25.60 14.95
N THR A 159 -15.88 -26.79 14.35
CA THR A 159 -14.70 -27.62 14.58
C THR A 159 -14.10 -28.16 13.27
N TYR A 160 -12.89 -28.70 13.36
CA TYR A 160 -12.13 -29.20 12.20
C TYR A 160 -12.90 -30.16 11.29
N ASN A 161 -12.95 -29.83 10.00
CA ASN A 161 -13.55 -30.72 9.00
C ASN A 161 -12.45 -31.48 8.26
N LYS A 162 -12.34 -32.79 8.51
CA LYS A 162 -11.31 -33.61 7.85
C LYS A 162 -11.39 -33.61 6.33
N VAL A 163 -12.60 -33.67 5.78
CA VAL A 163 -12.76 -33.55 4.35
C VAL A 163 -12.12 -32.24 3.86
N ARG A 164 -12.39 -31.15 4.56
CA ARG A 164 -11.82 -29.87 4.14
C ARG A 164 -10.30 -29.86 4.31
N GLY A 165 -9.84 -30.31 5.46
CA GLY A 165 -8.42 -30.42 5.75
C GLY A 165 -7.65 -31.24 4.73
N ASP A 166 -8.23 -32.35 4.29
CA ASP A 166 -7.57 -33.19 3.30
C ASP A 166 -7.43 -32.49 1.96
N LYS A 167 -8.39 -31.63 1.63
CA LYS A 167 -8.29 -30.84 0.41
CA LYS A 167 -8.29 -30.84 0.41
C LYS A 167 -7.20 -29.77 0.55
N VAL A 168 -7.06 -29.20 1.75
CA VAL A 168 -6.01 -28.23 2.01
C VAL A 168 -4.66 -28.89 1.77
N ILE A 169 -4.48 -30.04 2.42
CA ILE A 169 -3.27 -30.85 2.23
C ILE A 169 -2.96 -31.11 0.75
N ALA A 170 -3.97 -31.54 0.00
CA ALA A 170 -3.76 -31.89 -1.42
C ALA A 170 -3.33 -30.67 -2.24
N TYR A 171 -3.97 -29.55 -1.96
CA TYR A 171 -3.66 -28.31 -2.65
C TYR A 171 -2.17 -27.94 -2.41
N ALA A 172 -1.74 -28.01 -1.16
CA ALA A 172 -0.36 -27.72 -0.80
C ALA A 172 0.65 -28.71 -1.39
N ARG A 173 0.28 -29.98 -1.40
CA ARG A 173 1.13 -30.99 -2.03
C ARG A 173 1.34 -30.62 -3.50
N LYS A 174 0.29 -30.16 -4.15
CA LYS A 174 0.37 -29.79 -5.57
C LYS A 174 1.28 -28.58 -5.75
N PHE A 175 1.16 -27.59 -4.86
CA PHE A 175 2.01 -26.42 -4.91
C PHE A 175 3.47 -26.83 -4.78
N LEU A 176 3.73 -27.82 -3.92
CA LEU A 176 5.07 -28.32 -3.72
C LEU A 176 5.64 -28.95 -4.99
N ASP A 177 4.82 -29.73 -5.68
CA ASP A 177 5.24 -30.35 -6.93
C ASP A 177 5.49 -29.32 -7.99
N ASP A 178 4.70 -28.25 -7.98
CA ASP A 178 4.80 -27.21 -9.00
C ASP A 178 6.01 -26.33 -8.71
N SER A 179 6.39 -26.23 -7.44
CA SER A 179 7.38 -25.24 -7.03
C SER A 179 8.77 -25.82 -6.78
N VAL A 180 8.81 -26.99 -6.15
CA VAL A 180 10.08 -27.65 -5.89
C VAL A 180 9.97 -29.13 -6.29
N PRO A 181 9.95 -29.40 -7.60
CA PRO A 181 9.65 -30.76 -8.09
C PRO A 181 10.64 -31.80 -7.60
N LEU A 182 10.15 -33.02 -7.40
CA LEU A 182 11.02 -34.16 -7.14
C LEU A 182 11.60 -34.62 -8.47
N SER A 183 12.78 -35.25 -8.44
CA SER A 183 13.33 -35.77 -9.70
C SER A 183 12.44 -36.86 -10.29
N SER A 184 11.71 -37.55 -9.42
CA SER A 184 10.62 -38.42 -9.88
C SER A 184 9.54 -38.57 -8.81
N GLY A 185 8.29 -38.69 -9.23
CA GLY A 185 7.19 -38.85 -8.30
C GLY A 185 6.70 -37.52 -7.75
N SER A 186 5.72 -37.59 -6.86
CA SER A 186 5.05 -36.41 -6.34
C SER A 186 5.10 -36.32 -4.81
N PHE A 187 5.04 -35.09 -4.29
CA PHE A 187 5.01 -34.89 -2.84
C PHE A 187 3.76 -35.52 -2.24
N GLY A 188 2.74 -35.73 -3.06
CA GLY A 188 1.50 -36.36 -2.63
C GLY A 188 1.69 -37.78 -2.14
N ASP A 189 2.80 -38.40 -2.55
CA ASP A 189 3.10 -39.79 -2.17
C ASP A 189 4.25 -39.92 -1.18
N ALA A 190 4.79 -38.79 -0.73
CA ALA A 190 5.87 -38.79 0.25
C ALA A 190 5.48 -39.53 1.53
N THR A 191 6.44 -40.19 2.17
CA THR A 191 6.18 -40.85 3.44
C THR A 191 7.12 -40.36 4.56
N GLY A 192 8.15 -39.64 4.17
CA GLY A 192 9.06 -39.07 5.16
C GLY A 192 10.18 -38.25 4.54
N PHE A 193 10.87 -37.49 5.38
CA PHE A 193 11.97 -36.68 4.88
C PHE A 193 13.22 -36.97 5.73
N THR A 194 14.37 -37.08 5.08
CA THR A 194 15.65 -37.15 5.80
C THR A 194 16.72 -36.33 5.11
N VAL A 195 17.75 -35.93 5.86
CA VAL A 195 18.89 -35.23 5.28
C VAL A 195 20.11 -36.15 5.25
N GLN A 196 20.52 -36.54 4.05
CA GLN A 196 21.69 -37.43 3.90
C GLN A 196 22.77 -36.81 3.02
N ASP A 197 23.95 -36.61 3.60
CA ASP A 197 25.10 -35.99 2.92
C ASP A 197 24.77 -34.60 2.35
N GLY A 198 24.04 -33.80 3.12
CA GLY A 198 23.67 -32.47 2.69
C GLY A 198 22.67 -32.47 1.54
N GLN A 199 22.02 -33.61 1.33
CA GLN A 199 21.00 -33.72 0.30
C GLN A 199 19.67 -34.07 0.94
N LEU A 200 18.60 -33.46 0.45
CA LEU A 200 17.26 -33.79 0.93
C LEU A 200 16.85 -35.14 0.35
N VAL A 201 16.48 -36.06 1.23
CA VAL A 201 15.97 -37.34 0.74
C VAL A 201 14.49 -37.50 1.04
N VAL A 202 13.68 -37.71 0.00
CA VAL A 202 12.25 -37.84 0.18
C VAL A 202 11.80 -39.28 -0.05
N ALA A 203 11.24 -39.89 0.99
CA ALA A 203 10.81 -41.29 0.91
C ALA A 203 9.46 -41.47 0.17
N LEU A 204 9.47 -42.28 -0.87
CA LEU A 204 8.25 -42.68 -1.56
C LEU A 204 7.79 -44.04 -0.99
N PRO A 205 6.69 -44.60 -1.53
CA PRO A 205 6.40 -45.95 -1.02
C PRO A 205 7.42 -46.97 -1.54
N ASP A 206 7.91 -46.74 -2.76
CA ASP A 206 8.68 -47.75 -3.49
C ASP A 206 10.15 -47.36 -3.74
N LYS A 207 10.46 -46.08 -3.67
CA LYS A 207 11.84 -45.60 -3.78
C LYS A 207 12.11 -44.49 -2.79
N SER A 208 13.33 -43.98 -2.83
CA SER A 208 13.62 -42.65 -2.30
C SER A 208 13.97 -41.78 -3.49
N THR A 209 13.77 -40.47 -3.35
CA THR A 209 14.15 -39.52 -4.39
C THR A 209 14.63 -38.23 -3.76
N GLY A 210 15.40 -37.47 -4.52
CA GLY A 210 15.76 -36.11 -4.12
C GLY A 210 14.99 -35.11 -4.95
N LEU A 211 15.42 -33.86 -4.93
CA LEU A 211 14.79 -32.83 -5.74
C LEU A 211 15.40 -32.77 -7.12
N ALA A 212 14.61 -32.36 -8.11
CA ALA A 212 15.12 -32.11 -9.45
C ALA A 212 16.30 -31.16 -9.36
N ASN A 213 16.11 -30.05 -8.66
CA ASN A 213 17.22 -29.18 -8.33
C ASN A 213 17.52 -29.26 -6.84
N PRO A 214 18.58 -29.99 -6.48
CA PRO A 214 19.02 -30.10 -5.09
C PRO A 214 19.32 -28.73 -4.49
N GLY A 215 19.58 -27.74 -5.34
CA GLY A 215 19.88 -26.39 -4.87
C GLY A 215 18.71 -25.69 -4.19
N GLN A 216 17.50 -26.20 -4.42
CA GLN A 216 16.31 -25.61 -3.79
C GLN A 216 16.23 -26.00 -2.33
N PHE A 217 17.03 -27.00 -1.94
CA PHE A 217 17.10 -27.40 -0.55
C PHE A 217 17.92 -26.38 0.23
N ALA A 218 17.29 -25.70 1.19
CA ALA A 218 17.93 -24.60 1.87
C ALA A 218 18.34 -24.93 3.29
N GLY A 219 17.75 -25.97 3.86
CA GLY A 219 18.07 -26.31 5.23
C GLY A 219 16.96 -27.06 5.96
N TYR A 220 17.13 -27.17 7.28
CA TYR A 220 16.19 -27.95 8.08
C TYR A 220 16.34 -27.61 9.56
N THR A 221 15.37 -28.05 10.37
CA THR A 221 15.51 -27.96 11.82
C THR A 221 15.39 -29.36 12.43
N GLY A 222 15.85 -29.52 13.67
CA GLY A 222 15.90 -30.82 14.30
C GLY A 222 16.98 -31.71 13.69
N ALA A 223 16.97 -32.98 14.06
CA ALA A 223 18.02 -33.90 13.63
C ALA A 223 17.90 -34.19 12.14
N ALA A 224 19.05 -34.33 11.47
CA ALA A 224 19.05 -34.65 10.04
C ALA A 224 18.47 -36.03 9.80
N GLU A 225 18.56 -36.89 10.81
CA GLU A 225 17.99 -38.23 10.74
C GLU A 225 16.47 -38.20 10.86
N SER A 226 15.95 -37.16 11.49
CA SER A 226 14.52 -37.04 11.71
C SER A 226 14.12 -35.58 11.81
N PRO A 227 14.17 -34.85 10.68
CA PRO A 227 14.00 -33.39 10.69
C PRO A 227 12.68 -32.98 11.33
N THR A 228 12.69 -31.85 12.02
CA THR A 228 11.47 -31.29 12.55
C THR A 228 10.78 -30.50 11.43
N SER A 229 11.59 -30.03 10.48
CA SER A 229 11.08 -29.30 9.34
C SER A 229 12.12 -29.28 8.25
N VAL A 230 11.67 -28.98 7.03
CA VAL A 230 12.56 -28.88 5.89
C VAL A 230 12.37 -27.52 5.22
N LEU A 231 13.46 -26.79 5.05
CA LEU A 231 13.41 -25.49 4.40
C LEU A 231 13.75 -25.62 2.91
N LEU A 232 12.90 -25.08 2.06
CA LEU A 232 13.15 -25.02 0.62
C LEU A 232 13.12 -23.57 0.09
N ILE A 233 13.63 -23.39 -1.12
CA ILE A 233 13.61 -22.07 -1.74
C ILE A 233 13.27 -22.18 -3.22
N ASN A 234 12.59 -21.16 -3.73
CA ASN A 234 12.14 -21.11 -5.11
C ASN A 234 11.86 -19.66 -5.48
N HIS A 235 12.45 -19.19 -6.58
CA HIS A 235 12.34 -17.80 -6.99
C HIS A 235 12.68 -16.84 -5.85
N GLY A 236 13.67 -17.20 -5.03
CA GLY A 236 14.09 -16.35 -3.94
C GLY A 236 13.21 -16.38 -2.69
N LEU A 237 12.05 -17.03 -2.78
CA LEU A 237 11.14 -17.14 -1.62
C LEU A 237 11.28 -18.51 -0.93
N HIS A 238 11.28 -18.49 0.41
CA HIS A 238 11.37 -19.71 1.20
C HIS A 238 10.05 -20.44 1.43
N ILE A 239 10.12 -21.77 1.40
CA ILE A 239 9.01 -22.63 1.77
C ILE A 239 9.46 -23.58 2.88
N GLU A 240 8.71 -23.63 3.99
CA GLU A 240 9.06 -24.55 5.05
C GLU A 240 8.00 -25.63 5.33
N ILE A 241 8.41 -26.88 5.19
CA ILE A 241 7.54 -27.99 5.53
C ILE A 241 7.73 -28.39 6.99
N LEU A 242 6.69 -28.24 7.80
CA LEU A 242 6.74 -28.61 9.22
C LEU A 242 6.37 -30.09 9.42
N ILE A 243 7.20 -30.83 10.16
CA ILE A 243 7.02 -32.27 10.37
C ILE A 243 6.66 -32.62 11.81
N ASP A 244 5.47 -33.15 12.02
CA ASP A 244 5.01 -33.48 13.37
C ASP A 244 3.88 -34.49 13.31
N PRO A 245 4.22 -35.78 13.29
CA PRO A 245 3.17 -36.81 13.22
C PRO A 245 2.25 -36.73 14.42
N GLU A 246 2.75 -36.22 15.54
CA GLU A 246 1.93 -36.11 16.75
C GLU A 246 0.86 -35.02 16.67
N SER A 247 0.94 -34.15 15.68
CA SER A 247 0.00 -33.03 15.60
C SER A 247 -1.37 -33.45 15.07
N GLN A 248 -2.36 -32.61 15.37
CA GLN A 248 -3.74 -32.89 14.98
C GLN A 248 -3.86 -33.15 13.47
N VAL A 249 -3.17 -32.35 12.66
CA VAL A 249 -3.15 -32.54 11.22
C VAL A 249 -2.10 -33.55 10.80
N GLY A 250 -0.95 -33.52 11.48
CA GLY A 250 0.13 -34.43 11.17
C GLY A 250 -0.22 -35.91 11.26
N THR A 251 -1.04 -36.27 12.25
CA THR A 251 -1.43 -37.68 12.41
C THR A 251 -2.18 -38.19 11.20
N THR A 252 -2.99 -37.34 10.58
CA THR A 252 -3.74 -37.75 9.40
C THR A 252 -2.90 -37.74 8.12
N ASP A 253 -1.69 -37.21 8.20
CA ASP A 253 -0.88 -37.00 6.98
C ASP A 253 0.03 -38.17 6.68
N ARG A 254 0.17 -38.48 5.40
CA ARG A 254 0.95 -39.65 4.96
C ARG A 254 2.45 -39.53 5.24
N ALA A 255 2.92 -38.32 5.47
CA ALA A 255 4.33 -38.10 5.79
C ALA A 255 4.49 -37.36 7.11
N GLY A 256 3.40 -37.29 7.87
CA GLY A 256 3.41 -36.62 9.16
C GLY A 256 3.54 -35.11 9.06
N VAL A 257 3.30 -34.55 7.88
CA VAL A 257 3.39 -33.10 7.68
C VAL A 257 2.28 -32.34 8.40
N LYS A 258 2.69 -31.36 9.20
CA LYS A 258 1.79 -30.55 10.02
C LYS A 258 1.32 -29.28 9.30
N ASP A 259 2.19 -28.69 8.49
CA ASP A 259 1.84 -27.44 7.82
C ASP A 259 2.90 -27.12 6.79
N VAL A 260 2.57 -26.21 5.89
CA VAL A 260 3.54 -25.63 5.00
C VAL A 260 3.49 -24.12 5.24
N ILE A 261 4.65 -23.56 5.54
CA ILE A 261 4.79 -22.15 5.85
C ILE A 261 5.41 -21.43 4.68
N LEU A 262 4.79 -20.34 4.23
CA LEU A 262 5.37 -19.58 3.13
C LEU A 262 5.98 -18.28 3.62
N GLU A 263 7.15 -17.94 3.11
CA GLU A 263 7.66 -16.59 3.26
C GLU A 263 6.75 -15.74 2.37
N SER A 264 6.06 -14.76 2.97
CA SER A 264 4.95 -14.08 2.31
C SER A 264 5.25 -12.59 2.15
N ALA A 265 4.87 -11.80 3.17
CA ALA A 265 5.06 -10.36 3.14
C ALA A 265 6.52 -10.03 3.34
N ILE A 266 7.26 -9.92 2.25
CA ILE A 266 8.69 -9.64 2.30
C ILE A 266 8.95 -8.22 2.86
N THR A 267 8.15 -7.28 2.40
CA THR A 267 8.18 -5.91 2.93
C THR A 267 6.78 -5.52 3.33
N THR A 268 6.71 -4.49 4.18
CA THR A 268 5.47 -3.91 4.64
C THR A 268 5.58 -2.40 4.66
N ILE A 269 4.51 -1.72 4.28
CA ILE A 269 4.47 -0.27 4.35
C ILE A 269 3.56 0.13 5.50
N MET A 270 4.15 0.75 6.52
CA MET A 270 3.41 1.29 7.66
C MET A 270 2.90 2.67 7.26
N ASP A 271 1.58 2.81 7.23
CA ASP A 271 0.98 3.91 6.51
C ASP A 271 0.51 5.04 7.42
N PHE A 272 0.96 6.26 7.13
CA PHE A 272 0.49 7.46 7.82
C PHE A 272 -0.48 8.23 6.91
N GLU A 273 -0.67 7.75 5.69
CA GLU A 273 -1.46 8.51 4.74
C GLU A 273 -2.89 7.98 4.61
N ASP A 274 -3.22 7.40 3.46
CA ASP A 274 -4.62 7.21 3.09
C ASP A 274 -5.37 6.14 3.89
N SER A 275 -4.67 5.25 4.58
CA SER A 275 -5.37 4.25 5.38
C SER A 275 -5.62 4.66 6.83
N VAL A 276 -5.21 5.87 7.22
CA VAL A 276 -5.45 6.35 8.58
C VAL A 276 -6.15 7.70 8.65
N ALA A 277 -6.71 7.98 9.82
CA ALA A 277 -7.38 9.24 10.07
C ALA A 277 -6.62 9.98 11.17
N ALA A 278 -5.84 10.98 10.79
CA ALA A 278 -5.00 11.68 11.74
C ALA A 278 -5.04 13.18 11.45
N VAL A 279 -5.77 13.92 12.29
CA VAL A 279 -6.10 15.29 11.94
C VAL A 279 -5.56 16.33 12.92
N ASP A 280 -4.86 15.87 13.93
CA ASP A 280 -4.29 16.77 14.91
C ASP A 280 -3.07 16.12 15.53
N ALA A 281 -2.42 16.85 16.44
CA ALA A 281 -1.20 16.40 17.10
C ALA A 281 -1.37 15.09 17.87
N ALA A 282 -2.48 14.93 18.57
CA ALA A 282 -2.73 13.70 19.33
C ALA A 282 -2.73 12.46 18.42
N ASP A 283 -3.37 12.59 17.26
CA ASP A 283 -3.43 11.47 16.31
C ASP A 283 -2.04 11.18 15.72
N LYS A 284 -1.30 12.24 15.38
CA LYS A 284 0.03 12.04 14.79
C LYS A 284 0.94 11.33 15.78
N VAL A 285 0.91 11.80 17.04
CA VAL A 285 1.68 11.17 18.11
C VAL A 285 1.38 9.67 18.28
N LEU A 286 0.10 9.30 18.27
CA LEU A 286 -0.26 7.90 18.36
C LEU A 286 0.42 7.10 17.25
N GLY A 287 0.44 7.66 16.04
CA GLY A 287 1.11 7.03 14.91
C GLY A 287 2.63 7.00 15.04
N TYR A 288 3.22 8.15 15.35
CA TYR A 288 4.65 8.22 15.63
C TYR A 288 5.09 7.24 16.72
N ARG A 289 4.30 7.09 17.78
CA ARG A 289 4.65 6.16 18.85
C ARG A 289 4.65 4.71 18.36
N ASN A 290 3.69 4.35 17.53
CA ASN A 290 3.70 2.99 16.97
C ASN A 290 4.90 2.75 16.05
N TRP A 291 5.16 3.70 15.16
CA TRP A 291 6.32 3.59 14.26
C TRP A 291 7.61 3.47 15.09
N LEU A 292 7.64 4.14 16.23
CA LEU A 292 8.79 4.04 17.13
C LEU A 292 8.91 2.65 17.72
N GLY A 293 7.80 2.13 18.23
CA GLY A 293 7.79 0.79 18.78
C GLY A 293 8.23 -0.25 17.77
N LEU A 294 7.86 -0.04 16.50
CA LEU A 294 8.25 -0.96 15.44
C LEU A 294 9.75 -0.90 15.19
N ASN A 295 10.28 0.32 15.16
CA ASN A 295 11.69 0.52 14.89
C ASN A 295 12.60 0.15 16.04
N LYS A 296 12.11 0.28 17.26
CA LYS A 296 12.86 -0.23 18.41
C LYS A 296 12.77 -1.75 18.49
N GLY A 297 11.60 -2.27 18.16
CA GLY A 297 11.39 -3.70 18.22
C GLY A 297 10.67 -4.13 19.49
N ASP A 298 10.16 -3.15 20.23
CA ASP A 298 9.52 -3.43 21.50
C ASP A 298 8.02 -3.17 21.51
N LEU A 299 7.45 -2.90 20.33
CA LEU A 299 6.01 -2.68 20.23
C LEU A 299 5.26 -3.94 20.65
N ALA A 300 4.26 -3.77 21.50
CA ALA A 300 3.51 -4.91 22.00
C ALA A 300 2.08 -4.51 22.31
N ALA A 301 1.13 -5.33 21.88
CA ALA A 301 -0.28 -4.99 22.01
C ALA A 301 -1.17 -6.21 22.16
N ARG A 312 1.16 -10.89 20.28
CA ARG A 312 1.15 -9.64 21.03
C ARG A 312 2.49 -8.91 20.87
N VAL A 313 3.53 -9.65 20.51
CA VAL A 313 4.88 -9.10 20.34
C VAL A 313 5.46 -9.38 18.94
N LEU A 314 6.51 -8.65 18.57
CA LEU A 314 7.19 -8.88 17.30
C LEU A 314 7.94 -10.20 17.33
N ASN A 315 7.89 -10.94 16.22
CA ASN A 315 8.64 -12.19 16.09
C ASN A 315 10.14 -11.96 16.01
N ARG A 316 10.90 -12.94 16.47
CA ARG A 316 12.34 -12.95 16.36
C ARG A 316 12.77 -13.71 15.11
N ASP A 317 14.04 -13.59 14.75
CA ASP A 317 14.53 -14.27 13.56
C ASP A 317 14.46 -15.80 13.69
N ARG A 318 14.59 -16.48 12.57
CA ARG A 318 14.38 -17.92 12.47
C ARG A 318 15.68 -18.71 12.30
N ASN A 319 15.87 -19.72 13.14
CA ASN A 319 17.11 -20.48 13.16
C ASN A 319 17.01 -21.77 12.38
N TYR A 320 18.03 -22.03 11.57
CA TYR A 320 18.05 -23.22 10.73
C TYR A 320 19.41 -23.85 10.71
N THR A 321 19.44 -25.03 10.10
CA THR A 321 20.69 -25.71 9.85
C THR A 321 20.86 -25.84 8.35
N ALA A 322 21.98 -25.34 7.84
CA ALA A 322 22.28 -25.40 6.41
C ALA A 322 22.39 -26.86 5.99
N PRO A 323 22.20 -27.14 4.70
CA PRO A 323 22.27 -28.53 4.25
C PRO A 323 23.57 -29.20 4.66
N GLY A 324 24.67 -28.44 4.66
CA GLY A 324 25.97 -28.96 5.05
C GLY A 324 26.09 -29.29 6.52
N GLY A 325 25.58 -28.41 7.37
CA GLY A 325 25.65 -28.60 8.81
C GLY A 325 25.84 -27.31 9.58
N GLY A 326 26.28 -26.27 8.87
CA GLY A 326 26.43 -24.97 9.52
C GLY A 326 25.09 -24.47 10.02
N GLN A 327 25.12 -23.57 11.01
CA GLN A 327 23.91 -22.89 11.41
C GLN A 327 23.71 -21.70 10.47
N PHE A 328 22.51 -21.13 10.51
CA PHE A 328 22.25 -19.83 9.89
C PHE A 328 20.91 -19.30 10.35
N THR A 329 20.62 -18.07 9.95
CA THR A 329 19.46 -17.38 10.49
C THR A 329 18.76 -16.59 9.40
N LEU A 330 17.44 -16.49 9.48
CA LEU A 330 16.66 -15.77 8.48
C LEU A 330 15.77 -14.74 9.16
N PRO A 331 15.58 -13.59 8.51
CA PRO A 331 14.70 -12.52 9.02
C PRO A 331 13.31 -13.05 9.35
N GLY A 332 12.83 -12.81 10.56
CA GLY A 332 11.50 -13.23 10.96
C GLY A 332 10.46 -12.14 10.76
N ARG A 333 10.90 -10.95 10.37
CA ARG A 333 10.02 -9.80 10.26
C ARG A 333 10.05 -9.25 8.86
N SER A 334 8.91 -8.71 8.44
CA SER A 334 8.83 -7.97 7.18
C SER A 334 9.74 -6.74 7.27
N LEU A 335 10.47 -6.46 6.20
CA LEU A 335 11.25 -5.22 6.11
C LEU A 335 10.30 -4.01 5.97
N MET A 336 10.44 -3.02 6.84
CA MET A 336 9.43 -1.96 6.91
C MET A 336 9.75 -0.68 6.12
N PHE A 337 8.81 -0.27 5.27
CA PHE A 337 8.76 1.09 4.74
C PHE A 337 7.83 1.91 5.65
N VAL A 338 7.92 3.23 5.57
CA VAL A 338 6.86 4.07 6.15
C VAL A 338 6.29 4.92 5.03
N ARG A 339 4.96 5.08 4.96
CA ARG A 339 4.41 6.03 3.99
C ARG A 339 4.04 7.35 4.67
N ASN A 340 4.76 8.42 4.28
CA ASN A 340 4.50 9.77 4.76
C ASN A 340 3.28 10.33 4.05
N VAL A 341 2.65 11.38 4.57
CA VAL A 341 1.67 12.10 3.75
C VAL A 341 2.39 12.87 2.63
N GLY A 342 1.64 13.29 1.63
CA GLY A 342 2.18 14.01 0.50
C GLY A 342 2.24 15.50 0.76
N HIS A 343 2.37 16.28 -0.31
CA HIS A 343 2.67 17.71 -0.24
C HIS A 343 1.53 18.64 0.15
N LEU A 344 0.30 18.14 0.15
CA LEU A 344 -0.85 19.04 0.25
C LEU A 344 -1.13 19.62 1.64
N MET A 345 -1.29 18.74 2.63
CA MET A 345 -1.95 19.14 3.86
C MET A 345 -1.02 19.79 4.85
N THR A 346 -1.64 20.64 5.68
CA THR A 346 -0.98 21.13 6.88
C THR A 346 -1.64 20.46 8.08
N ASN A 347 -1.01 20.61 9.23
CA ASN A 347 -1.50 19.99 10.45
C ASN A 347 -1.13 20.92 11.59
N ASP A 348 -2.07 21.14 12.52
CA ASP A 348 -1.83 22.10 13.58
C ASP A 348 -1.00 21.52 14.73
N ALA A 349 -0.46 20.33 14.54
CA ALA A 349 0.56 19.78 15.43
C ALA A 349 1.62 20.87 15.68
N ILE A 350 2.00 21.57 14.62
CA ILE A 350 2.83 22.75 14.73
C ILE A 350 2.15 23.88 13.97
N VAL A 351 2.11 25.06 14.59
CA VAL A 351 1.71 26.30 13.91
C VAL A 351 2.82 27.36 14.02
N ASP A 352 2.78 28.37 13.17
CA ASP A 352 3.75 29.45 13.32
C ASP A 352 3.17 30.57 14.16
N THR A 353 3.89 31.69 14.23
CA THR A 353 3.47 32.84 15.01
C THR A 353 2.11 33.37 14.58
N ASP A 354 1.89 33.43 13.27
CA ASP A 354 0.62 33.87 12.72
C ASP A 354 -0.52 32.92 13.04
N GLY A 355 -0.18 31.70 13.48
CA GLY A 355 -1.19 30.69 13.75
C GLY A 355 -1.43 29.78 12.55
N SER A 356 -0.64 29.96 11.50
CA SER A 356 -0.76 29.12 10.30
C SER A 356 -0.23 27.73 10.57
N GLU A 357 -0.93 26.71 10.10
CA GLU A 357 -0.50 25.32 10.31
C GLU A 357 0.73 25.02 9.46
N VAL A 358 1.59 24.14 9.97
CA VAL A 358 2.80 23.73 9.26
C VAL A 358 2.51 22.56 8.30
N PHE A 359 3.15 22.54 7.15
CA PHE A 359 3.02 21.45 6.19
C PHE A 359 3.33 20.07 6.83
N GLU A 360 2.37 19.17 6.73
CA GLU A 360 2.44 17.82 7.31
C GLU A 360 3.50 16.91 6.70
N GLY A 361 3.66 16.99 5.39
CA GLY A 361 4.69 16.21 4.73
C GLY A 361 6.07 16.56 5.20
N ILE A 362 6.32 17.84 5.46
CA ILE A 362 7.63 18.24 5.97
C ILE A 362 7.84 17.64 7.35
N MET A 363 6.81 17.75 8.20
CA MET A 363 6.91 17.22 9.55
C MET A 363 7.14 15.71 9.55
N ASP A 364 6.39 15.01 8.71
CA ASP A 364 6.50 13.55 8.61
C ASP A 364 7.93 13.10 8.29
N ALA A 365 8.57 13.79 7.36
CA ALA A 365 9.92 13.45 6.98
C ALA A 365 10.86 13.61 8.18
N LEU A 366 10.71 14.71 8.93
CA LEU A 366 11.51 14.96 10.12
C LEU A 366 11.27 13.93 11.21
N PHE A 367 10.01 13.71 11.55
CA PHE A 367 9.69 12.85 12.68
C PHE A 367 9.79 11.35 12.34
N THR A 368 9.28 10.92 11.17
CA THR A 368 9.38 9.48 10.84
C THR A 368 10.84 9.15 10.53
N GLY A 369 11.56 10.12 9.98
CA GLY A 369 12.97 9.96 9.73
C GLY A 369 13.78 9.82 11.01
N LEU A 370 13.53 10.70 11.97
CA LEU A 370 14.17 10.61 13.26
C LEU A 370 13.91 9.25 13.92
N ILE A 371 12.63 8.85 13.96
CA ILE A 371 12.24 7.59 14.56
C ILE A 371 12.91 6.39 13.92
N ALA A 372 13.06 6.44 12.60
CA ALA A 372 13.67 5.37 11.83
C ALA A 372 15.13 5.07 12.19
N ILE A 373 15.79 6.03 12.84
CA ILE A 373 17.18 5.80 13.27
C ILE A 373 17.25 4.58 14.18
N HIS A 374 16.24 4.40 15.04
CA HIS A 374 16.23 3.27 15.97
C HIS A 374 16.20 1.90 15.26
N GLY A 375 15.63 1.85 14.06
CA GLY A 375 15.59 0.61 13.32
C GLY A 375 16.93 0.25 12.68
N LEU A 376 17.91 1.15 12.83
CA LEU A 376 19.25 0.90 12.29
C LEU A 376 20.22 0.44 13.38
N LYS A 377 19.71 0.26 14.60
CA LYS A 377 20.52 -0.02 15.79
C LYS A 377 19.82 -1.03 16.67
N ALA A 378 20.58 -1.66 17.57
CA ALA A 378 20.03 -2.64 18.51
C ALA A 378 20.67 -2.47 19.89
N SER A 379 19.91 -1.97 20.85
CA SER A 379 20.46 -1.74 22.20
C SER A 379 19.32 -1.69 23.22
N ASP A 380 19.63 -1.28 24.44
CA ASP A 380 18.58 -1.17 25.44
C ASP A 380 17.75 0.10 25.28
N VAL A 381 18.38 1.21 24.93
CA VAL A 381 17.61 2.43 24.63
C VAL A 381 16.98 2.38 23.24
N ASN A 382 17.60 1.65 22.31
CA ASN A 382 17.12 1.63 20.92
C ASN A 382 16.21 0.44 20.62
N GLY A 383 16.06 -0.45 21.59
CA GLY A 383 15.35 -1.70 21.39
C GLY A 383 16.19 -2.72 20.65
N PRO A 384 15.83 -4.00 20.78
CA PRO A 384 16.68 -5.07 20.24
C PRO A 384 16.58 -5.32 18.73
N LEU A 385 15.55 -4.83 18.05
CA LEU A 385 15.30 -5.27 16.66
C LEU A 385 15.77 -4.33 15.53
N ILE A 386 16.39 -4.94 14.50
CA ILE A 386 16.91 -4.20 13.35
C ILE A 386 15.93 -4.25 12.18
N ASN A 387 15.69 -3.11 11.53
CA ASN A 387 14.93 -3.08 10.29
C ASN A 387 15.86 -3.25 9.09
N SER A 388 16.67 -2.23 8.81
CA SER A 388 17.57 -2.28 7.67
C SER A 388 19.01 -2.58 8.09
N ARG A 389 19.54 -3.69 7.60
CA ARG A 389 20.92 -4.02 7.91
CA ARG A 389 20.91 -4.10 7.85
C ARG A 389 21.90 -3.29 6.99
N THR A 390 21.38 -2.71 5.89
CA THR A 390 22.24 -2.02 4.94
C THR A 390 22.35 -0.53 5.19
N GLY A 391 21.59 -0.03 6.17
CA GLY A 391 21.70 1.37 6.56
C GLY A 391 20.76 2.35 5.90
N SER A 392 19.64 1.86 5.36
CA SER A 392 18.68 2.75 4.68
C SER A 392 17.40 2.93 5.46
N ILE A 393 16.73 4.05 5.23
CA ILE A 393 15.41 4.34 5.77
C ILE A 393 14.51 4.47 4.53
N TYR A 394 13.39 3.76 4.52
CA TYR A 394 12.53 3.69 3.33
C TYR A 394 11.21 4.44 3.50
N ILE A 395 11.08 5.53 2.76
CA ILE A 395 9.89 6.37 2.83
C ILE A 395 9.09 6.36 1.53
N VAL A 396 7.82 5.98 1.62
CA VAL A 396 6.97 6.03 0.46
C VAL A 396 6.35 7.41 0.46
N LYS A 397 6.41 8.06 -0.69
CA LYS A 397 5.92 9.43 -0.85
C LYS A 397 4.79 9.45 -1.86
N PRO A 398 3.56 9.69 -1.39
CA PRO A 398 2.35 9.57 -2.21
C PRO A 398 1.96 10.89 -2.87
N LYS A 399 1.11 10.80 -3.88
CA LYS A 399 0.37 11.95 -4.43
C LYS A 399 1.21 13.07 -5.04
N MET A 400 2.43 12.76 -5.49
CA MET A 400 3.27 13.75 -6.14
C MET A 400 2.83 13.99 -7.59
N HIS A 401 2.93 15.25 -8.04
CA HIS A 401 2.55 15.62 -9.40
C HIS A 401 3.76 16.15 -10.18
N GLY A 402 4.49 15.29 -10.85
CA GLY A 402 5.59 15.73 -11.70
C GLY A 402 6.96 15.77 -11.05
N PRO A 403 8.02 15.91 -11.88
CA PRO A 403 9.43 15.85 -11.48
C PRO A 403 9.86 16.94 -10.49
N ALA A 404 9.33 18.15 -10.62
CA ALA A 404 9.70 19.22 -9.69
C ALA A 404 9.25 18.86 -8.27
N GLU A 405 8.12 18.18 -8.15
CA GLU A 405 7.62 17.70 -6.85
C GLU A 405 8.44 16.53 -6.31
N VAL A 406 8.93 15.69 -7.19
CA VAL A 406 9.83 14.63 -6.76
C VAL A 406 11.16 15.24 -6.29
N ALA A 407 11.68 16.18 -7.06
CA ALA A 407 12.92 16.85 -6.70
C ALA A 407 12.80 17.46 -5.31
N PHE A 408 11.65 18.07 -5.04
CA PHE A 408 11.44 18.76 -3.78
C PHE A 408 11.44 17.79 -2.61
N THR A 409 10.88 16.60 -2.80
CA THR A 409 10.90 15.61 -1.73
C THR A 409 12.33 15.17 -1.45
N CYS A 410 13.12 15.02 -2.50
CA CYS A 410 14.51 14.65 -2.37
C CYS A 410 15.31 15.74 -1.67
N GLU A 411 15.07 17.00 -2.02
CA GLU A 411 15.70 18.08 -1.26
C GLU A 411 15.25 18.11 0.21
N LEU A 412 13.96 17.89 0.45
CA LEU A 412 13.47 17.77 1.83
C LEU A 412 14.22 16.70 2.61
N PHE A 413 14.35 15.51 2.01
CA PHE A 413 15.06 14.40 2.64
C PHE A 413 16.52 14.77 2.91
N SER A 414 17.14 15.46 1.98
CA SER A 414 18.52 15.91 2.17
C SER A 414 18.63 16.82 3.39
N ARG A 415 17.72 17.78 3.49
CA ARG A 415 17.71 18.70 4.61
C ARG A 415 17.46 17.96 5.92
N VAL A 416 16.55 16.99 5.90
CA VAL A 416 16.28 16.20 7.08
C VAL A 416 17.49 15.39 7.50
N GLU A 417 18.15 14.77 6.51
CA GLU A 417 19.37 14.01 6.77
C GLU A 417 20.41 14.82 7.54
N ASP A 418 20.55 16.09 7.16
CA ASP A 418 21.47 17.02 7.83
C ASP A 418 21.06 17.29 9.26
N VAL A 419 19.77 17.55 9.47
CA VAL A 419 19.26 17.74 10.81
C VAL A 419 19.53 16.48 11.64
N LEU A 420 19.41 15.31 11.01
CA LEU A 420 19.52 14.05 11.74
C LEU A 420 20.93 13.52 11.92
N GLY A 421 21.90 14.11 11.23
CA GLY A 421 23.27 13.63 11.30
C GLY A 421 23.49 12.35 10.52
N LEU A 422 22.55 12.06 9.61
CA LEU A 422 22.64 10.87 8.78
C LEU A 422 23.44 11.17 7.54
N PRO A 423 24.10 10.13 7.00
CA PRO A 423 24.70 10.22 5.68
C PRO A 423 23.64 10.66 4.68
N GLN A 424 24.05 11.42 3.67
CA GLN A 424 23.15 11.81 2.59
C GLN A 424 22.70 10.56 1.82
N ASN A 425 21.44 10.57 1.39
CA ASN A 425 20.80 9.45 0.69
C ASN A 425 20.48 8.24 1.56
N THR A 426 20.58 8.40 2.87
CA THR A 426 20.09 7.37 3.79
C THR A 426 18.58 7.18 3.56
N MET A 427 17.89 8.30 3.39
CA MET A 427 16.45 8.31 3.25
C MET A 427 16.05 8.04 1.79
N LYS A 428 15.62 6.80 1.54
CA LYS A 428 15.24 6.34 0.21
C LYS A 428 13.78 6.63 -0.07
N ILE A 429 13.42 6.69 -1.35
CA ILE A 429 12.07 7.11 -1.70
C ILE A 429 11.35 6.03 -2.51
N GLY A 430 10.13 5.71 -2.07
CA GLY A 430 9.24 4.85 -2.85
C GLY A 430 8.26 5.80 -3.50
N ILE A 431 8.39 5.94 -4.83
CA ILE A 431 7.55 6.88 -5.56
C ILE A 431 6.20 6.27 -5.99
N MET A 432 5.11 6.83 -5.48
CA MET A 432 3.78 6.47 -5.95
C MET A 432 3.53 7.14 -7.30
N ASP A 433 3.13 6.35 -8.30
CA ASP A 433 2.68 6.86 -9.60
C ASP A 433 1.17 6.78 -9.53
N GLU A 434 0.54 7.83 -9.02
CA GLU A 434 -0.89 7.82 -8.79
C GLU A 434 -1.50 9.17 -9.14
N GLU A 435 -0.80 9.95 -9.95
CA GLU A 435 -1.29 11.23 -10.44
C GLU A 435 -0.89 11.36 -11.91
N ARG A 436 -1.74 11.96 -12.71
CA ARG A 436 -1.53 12.02 -14.16
C ARG A 436 -0.25 12.70 -14.58
N ARG A 437 0.07 13.81 -13.92
CA ARG A 437 1.25 14.59 -14.27
C ARG A 437 2.55 13.87 -13.91
N THR A 438 2.48 12.90 -13.00
CA THR A 438 3.62 12.02 -12.75
C THR A 438 3.64 10.91 -13.81
N THR A 439 2.48 10.31 -14.08
CA THR A 439 2.36 9.28 -15.11
C THR A 439 2.98 9.71 -16.47
N VAL A 440 2.61 10.88 -16.98
CA VAL A 440 3.11 11.27 -18.29
C VAL A 440 4.52 11.87 -18.25
N ASN A 441 5.08 12.02 -17.05
CA ASN A 441 6.46 12.48 -16.91
C ASN A 441 7.29 11.50 -16.09
N LEU A 442 6.86 10.24 -16.10
CA LEU A 442 7.40 9.27 -15.14
C LEU A 442 8.91 9.10 -15.23
N LYS A 443 9.44 9.09 -16.45
CA LYS A 443 10.86 8.86 -16.66
C LYS A 443 11.65 9.96 -15.96
N ALA A 444 11.13 11.19 -16.05
CA ALA A 444 11.78 12.34 -15.45
C ALA A 444 11.62 12.35 -13.94
N CYS A 445 10.50 11.84 -13.45
CA CYS A 445 10.28 11.74 -12.00
C CYS A 445 11.29 10.77 -11.41
N ILE A 446 11.56 9.69 -12.13
CA ILE A 446 12.53 8.74 -11.68
C ILE A 446 13.92 9.38 -11.68
N LYS A 447 14.23 10.11 -12.74
CA LYS A 447 15.55 10.74 -12.83
C LYS A 447 15.76 11.72 -11.68
N ALA A 448 14.69 12.40 -11.29
CA ALA A 448 14.79 13.38 -10.21
C ALA A 448 15.16 12.74 -8.88
N ALA A 449 14.86 11.45 -8.73
CA ALA A 449 15.20 10.69 -7.52
C ALA A 449 16.19 9.57 -7.81
N ALA A 450 17.00 9.72 -8.86
CA ALA A 450 17.79 8.60 -9.37
C ALA A 450 18.75 7.96 -8.36
N ASP A 451 19.15 8.71 -7.33
CA ASP A 451 20.04 8.19 -6.30
C ASP A 451 19.29 7.86 -4.99
N ARG A 452 17.98 7.98 -4.99
CA ARG A 452 17.20 7.69 -3.79
C ARG A 452 16.09 6.66 -3.99
N VAL A 453 15.65 6.49 -5.24
CA VAL A 453 14.44 5.71 -5.54
C VAL A 453 14.61 4.20 -5.32
N VAL A 454 13.69 3.60 -4.57
CA VAL A 454 13.71 2.15 -4.34
C VAL A 454 12.44 1.50 -4.85
N PHE A 455 11.42 2.29 -5.17
CA PHE A 455 10.32 1.75 -5.95
C PHE A 455 9.51 2.76 -6.72
N ILE A 456 8.76 2.26 -7.68
CA ILE A 456 7.63 2.98 -8.24
C ILE A 456 6.47 2.02 -8.13
N ASN A 457 5.25 2.55 -8.12
CA ASN A 457 4.10 1.72 -7.87
C ASN A 457 2.88 2.39 -8.48
N THR A 458 2.00 1.62 -9.10
CA THR A 458 0.79 2.20 -9.64
C THR A 458 -0.30 2.21 -8.60
N GLY A 459 -0.49 3.39 -7.98
CA GLY A 459 -1.61 3.64 -7.07
C GLY A 459 -2.88 3.94 -7.86
N PHE A 460 -3.46 2.90 -8.46
CA PHE A 460 -4.54 3.08 -9.44
C PHE A 460 -5.87 3.75 -9.00
N LEU A 461 -6.22 3.71 -7.72
CA LEU A 461 -7.46 4.39 -7.31
C LEU A 461 -7.30 5.92 -7.24
N ASP A 462 -6.19 6.36 -6.64
CA ASP A 462 -5.90 7.78 -6.60
C ASP A 462 -5.76 8.28 -8.04
N ARG A 463 -5.16 7.43 -8.86
CA ARG A 463 -4.85 7.80 -10.24
C ARG A 463 -6.12 8.05 -11.05
N THR A 464 -7.14 7.25 -10.77
CA THR A 464 -8.42 7.40 -11.46
C THR A 464 -9.11 8.69 -11.01
N GLY A 465 -9.05 8.97 -9.70
CA GLY A 465 -9.56 10.23 -9.16
C GLY A 465 -8.89 11.43 -9.80
N ASP A 466 -7.57 11.37 -9.94
CA ASP A 466 -6.88 12.43 -10.65
C ASP A 466 -7.31 12.54 -12.12
N GLU A 467 -7.52 11.39 -12.76
CA GLU A 467 -7.95 11.33 -14.16
C GLU A 467 -9.28 12.06 -14.33
N ILE A 468 -10.25 11.72 -13.51
CA ILE A 468 -11.55 12.39 -13.52
C ILE A 468 -11.44 13.91 -13.29
N HIS A 469 -10.67 14.31 -12.30
CA HIS A 469 -10.62 15.72 -11.93
C HIS A 469 -9.90 16.54 -12.99
N THR A 470 -8.85 15.96 -13.57
CA THR A 470 -8.05 16.69 -14.54
C THR A 470 -8.89 17.03 -15.78
N SER A 471 -9.80 16.13 -16.15
CA SER A 471 -10.58 16.30 -17.37
C SER A 471 -12.04 16.58 -17.06
N MET A 472 -12.30 17.01 -15.83
CA MET A 472 -13.63 17.36 -15.33
C MET A 472 -14.47 18.15 -16.34
N GLU A 473 -13.87 19.12 -17.02
CA GLU A 473 -14.59 19.98 -17.96
C GLU A 473 -14.77 19.37 -19.36
N ALA A 474 -14.09 18.25 -19.65
CA ALA A 474 -14.14 17.64 -20.98
C ALA A 474 -15.50 17.04 -21.35
N GLY A 475 -16.18 16.45 -20.38
CA GLY A 475 -17.45 15.78 -20.63
C GLY A 475 -17.72 14.75 -19.55
N PRO A 476 -18.87 14.06 -19.60
CA PRO A 476 -19.20 13.02 -18.62
C PRO A 476 -18.23 11.86 -18.70
N MET A 477 -17.79 11.31 -17.57
CA MET A 477 -16.87 10.17 -17.55
C MET A 477 -17.63 8.84 -17.53
N VAL A 478 -16.96 7.77 -17.93
CA VAL A 478 -17.56 6.45 -17.81
C VAL A 478 -17.75 6.07 -16.35
N ARG A 479 -18.58 5.05 -16.10
CA ARG A 479 -18.85 4.61 -14.73
C ARG A 479 -17.60 4.11 -14.01
N LYS A 480 -17.66 4.11 -12.68
CA LYS A 480 -16.51 3.76 -11.86
C LYS A 480 -15.98 2.34 -12.15
N GLY A 481 -16.89 1.38 -12.29
CA GLY A 481 -16.51 0.01 -12.60
C GLY A 481 -15.86 -0.14 -13.97
N THR A 482 -16.18 0.79 -14.87
CA THR A 482 -15.66 0.74 -16.23
C THR A 482 -14.22 1.23 -16.30
N MET A 483 -13.88 2.16 -15.40
CA MET A 483 -12.55 2.77 -15.35
C MET A 483 -11.39 1.78 -15.39
N LYS A 484 -11.54 0.64 -14.72
CA LYS A 484 -10.42 -0.30 -14.59
C LYS A 484 -10.07 -1.04 -15.88
N SER A 485 -10.87 -0.86 -16.93
CA SER A 485 -10.59 -1.47 -18.22
C SER A 485 -10.46 -0.45 -19.35
N GLN A 486 -10.49 0.83 -19.00
CA GLN A 486 -10.34 1.90 -19.99
C GLN A 486 -8.94 1.90 -20.57
N PRO A 487 -8.81 2.34 -21.83
CA PRO A 487 -7.50 2.47 -22.46
C PRO A 487 -6.45 3.23 -21.63
N TRP A 488 -6.80 4.36 -21.01
CA TRP A 488 -5.78 5.15 -20.30
C TRP A 488 -5.11 4.38 -19.15
N ILE A 489 -5.87 3.56 -18.46
CA ILE A 489 -5.34 2.92 -17.27
C ILE A 489 -4.49 1.70 -17.62
N LEU A 490 -4.83 1.05 -18.72
CA LEU A 490 -4.08 -0.12 -19.15
C LEU A 490 -2.73 0.35 -19.68
N ALA A 491 -2.71 1.50 -20.32
CA ALA A 491 -1.46 2.06 -20.80
C ALA A 491 -0.64 2.56 -19.61
N TYR A 492 -1.33 3.16 -18.65
CA TYR A 492 -0.70 3.64 -17.41
C TYR A 492 0.04 2.50 -16.70
N GLU A 493 -0.62 1.35 -16.59
CA GLU A 493 0.00 0.19 -15.96
C GLU A 493 1.24 -0.28 -16.71
N ASP A 494 1.12 -0.48 -18.02
CA ASP A 494 2.25 -0.96 -18.82
C ASP A 494 3.40 0.06 -18.86
N HIS A 495 3.03 1.34 -18.94
CA HIS A 495 4.01 2.42 -19.02
C HIS A 495 4.87 2.50 -17.77
N ASN A 496 4.26 2.19 -16.63
CA ASN A 496 4.95 2.25 -15.36
C ASN A 496 6.02 1.17 -15.31
N VAL A 497 5.66 -0.03 -15.72
CA VAL A 497 6.63 -1.12 -15.78
C VAL A 497 7.78 -0.79 -16.77
N ASP A 498 7.42 -0.29 -17.95
CA ASP A 498 8.40 0.10 -18.96
C ASP A 498 9.43 1.08 -18.40
N ALA A 499 8.94 2.07 -17.65
CA ALA A 499 9.79 3.14 -17.17
C ALA A 499 10.78 2.66 -16.12
N GLY A 500 10.27 1.86 -15.17
CA GLY A 500 11.11 1.27 -14.16
C GLY A 500 12.21 0.40 -14.76
N LEU A 501 11.82 -0.51 -15.65
CA LEU A 501 12.79 -1.43 -16.24
C LEU A 501 13.85 -0.69 -17.05
N ALA A 502 13.43 0.27 -17.85
CA ALA A 502 14.35 1.10 -18.63
C ALA A 502 15.29 1.91 -17.73
N ALA A 503 14.83 2.24 -16.53
CA ALA A 503 15.68 2.99 -15.61
C ALA A 503 16.55 2.03 -14.80
N GLY A 504 16.48 0.74 -15.13
CA GLY A 504 17.35 -0.25 -14.52
C GLY A 504 16.87 -0.85 -13.21
N PHE A 505 15.56 -0.87 -13.01
CA PHE A 505 14.98 -1.32 -11.73
C PHE A 505 15.26 -2.79 -11.42
N SER A 506 15.37 -3.63 -12.45
CA SER A 506 15.59 -5.05 -12.24
C SER A 506 16.88 -5.25 -11.46
N GLY A 507 16.77 -5.90 -10.31
CA GLY A 507 17.91 -6.13 -9.44
C GLY A 507 18.24 -4.92 -8.59
N ARG A 508 17.52 -3.82 -8.78
CA ARG A 508 17.84 -2.60 -8.05
C ARG A 508 16.70 -2.00 -7.22
N ALA A 509 15.47 -2.07 -7.73
CA ALA A 509 14.34 -1.38 -7.11
C ALA A 509 13.02 -2.07 -7.47
N GLN A 510 12.02 -1.92 -6.61
CA GLN A 510 10.76 -2.62 -6.83
C GLN A 510 9.95 -1.93 -7.92
N VAL A 511 9.26 -2.75 -8.71
CA VAL A 511 8.24 -2.25 -9.60
C VAL A 511 6.92 -2.82 -9.09
N GLY A 512 6.04 -1.96 -8.60
CA GLY A 512 4.90 -2.42 -7.83
C GLY A 512 3.55 -2.11 -8.44
N LYS A 513 2.57 -2.95 -8.15
CA LYS A 513 1.19 -2.72 -8.56
C LYS A 513 0.24 -2.73 -7.36
N GLY A 514 -1.03 -2.44 -7.64
CA GLY A 514 -1.98 -1.99 -6.63
C GLY A 514 -2.63 -3.01 -5.71
N MET A 515 -3.48 -2.49 -4.82
CA MET A 515 -4.06 -3.28 -3.73
C MET A 515 -5.22 -4.15 -4.20
N TRP A 516 -5.24 -5.42 -3.77
CA TRP A 516 -6.44 -6.24 -3.90
C TRP A 516 -7.36 -5.91 -2.71
N THR A 517 -8.55 -5.41 -2.99
CA THR A 517 -9.40 -4.84 -1.92
C THR A 517 -10.47 -5.78 -1.37
N MET A 518 -10.77 -6.85 -2.08
CA MET A 518 -11.85 -7.76 -1.68
C MET A 518 -11.36 -8.83 -0.75
N THR A 519 -11.37 -8.53 0.54
CA THR A 519 -10.66 -9.34 1.53
C THR A 519 -11.20 -10.77 1.65
N GLU A 520 -12.46 -10.98 1.27
CA GLU A 520 -13.06 -12.28 1.45
C GLU A 520 -13.05 -13.08 0.16
N LEU A 521 -12.67 -12.43 -0.93
CA LEU A 521 -12.68 -13.08 -2.22
C LEU A 521 -11.27 -13.58 -2.57
N MET A 522 -10.82 -14.58 -1.81
CA MET A 522 -9.45 -15.07 -1.93
C MET A 522 -9.29 -16.04 -3.11
N ALA A 523 -10.33 -16.81 -3.41
CA ALA A 523 -10.36 -17.59 -4.64
C ALA A 523 -10.16 -16.69 -5.84
N ASP A 524 -10.97 -15.64 -5.94
CA ASP A 524 -10.82 -14.66 -7.01
C ASP A 524 -9.42 -14.06 -7.01
N MET A 525 -8.89 -13.72 -5.83
CA MET A 525 -7.55 -13.14 -5.79
C MET A 525 -6.51 -14.09 -6.37
N VAL A 526 -6.52 -15.33 -5.90
CA VAL A 526 -5.55 -16.31 -6.38
C VAL A 526 -5.71 -16.54 -7.89
N GLU A 527 -6.95 -16.55 -8.36
CA GLU A 527 -7.19 -16.72 -9.79
C GLU A 527 -6.69 -15.53 -10.62
N THR A 528 -6.92 -14.30 -10.15
CA THR A 528 -6.70 -13.16 -11.05
C THR A 528 -5.45 -12.31 -10.77
N LYS A 529 -5.06 -12.18 -9.50
CA LYS A 529 -3.93 -11.29 -9.13
C LYS A 529 -2.57 -11.76 -9.70
N ILE A 530 -2.54 -12.97 -10.25
CA ILE A 530 -1.34 -13.50 -10.90
C ILE A 530 -0.95 -12.64 -12.12
N ALA A 531 -1.92 -11.93 -12.68
CA ALA A 531 -1.65 -10.98 -13.76
C ALA A 531 -0.57 -9.97 -13.41
N GLN A 532 -0.43 -9.65 -12.11
CA GLN A 532 0.49 -8.60 -11.71
C GLN A 532 1.95 -9.03 -11.85
N PRO A 533 2.36 -10.12 -11.18
CA PRO A 533 3.74 -10.51 -11.49
C PRO A 533 3.91 -10.92 -12.97
N ARG A 534 2.88 -11.44 -13.62
CA ARG A 534 2.98 -11.75 -15.05
C ARG A 534 3.26 -10.52 -15.91
N ALA A 535 2.88 -9.35 -15.41
CA ALA A 535 3.12 -8.10 -16.11
C ALA A 535 4.48 -7.52 -15.72
N GLY A 536 5.25 -8.27 -14.97
CA GLY A 536 6.58 -7.84 -14.59
C GLY A 536 6.70 -7.02 -13.31
N ALA A 537 5.67 -7.05 -12.45
CA ALA A 537 5.75 -6.35 -11.18
C ALA A 537 6.48 -7.21 -10.18
N SER A 538 7.55 -6.67 -9.61
CA SER A 538 8.29 -7.44 -8.63
C SER A 538 7.59 -7.42 -7.27
N THR A 539 6.53 -6.62 -7.16
CA THR A 539 5.70 -6.65 -5.96
C THR A 539 4.28 -6.13 -6.22
N ALA A 540 3.36 -6.42 -5.30
CA ALA A 540 2.01 -5.90 -5.39
C ALA A 540 1.37 -5.89 -4.03
N TRP A 541 0.37 -5.05 -3.86
CA TRP A 541 -0.22 -4.83 -2.55
C TRP A 541 -1.31 -5.82 -2.15
N VAL A 542 -1.21 -6.30 -0.92
CA VAL A 542 -2.24 -7.08 -0.29
C VAL A 542 -2.59 -6.40 1.02
N PRO A 543 -3.83 -6.64 1.51
CA PRO A 543 -4.37 -5.95 2.68
C PRO A 543 -4.18 -6.72 3.99
N SER A 544 -3.80 -7.98 3.92
CA SER A 544 -3.75 -8.81 5.12
C SER A 544 -2.65 -9.87 5.04
N PRO A 545 -2.20 -10.39 6.20
CA PRO A 545 -1.25 -11.52 6.21
C PRO A 545 -1.76 -12.73 5.43
N THR A 546 -3.04 -13.08 5.61
CA THR A 546 -3.59 -14.21 4.88
C THR A 546 -3.49 -13.97 3.37
N ALA A 547 -3.80 -12.76 2.94
CA ALA A 547 -3.69 -12.41 1.52
C ALA A 547 -2.23 -12.40 1.05
N ALA A 548 -1.30 -12.02 1.93
CA ALA A 548 0.12 -12.06 1.59
C ALA A 548 0.56 -13.50 1.28
N THR A 549 0.17 -14.42 2.15
CA THR A 549 0.51 -15.85 1.97
C THR A 549 -0.01 -16.42 0.65
N LEU A 550 -1.26 -16.09 0.34
CA LEU A 550 -1.89 -16.58 -0.87
C LEU A 550 -1.33 -15.92 -2.10
N HIS A 551 -1.04 -14.62 -2.01
CA HIS A 551 -0.46 -13.93 -3.16
C HIS A 551 0.98 -14.41 -3.40
N ALA A 552 1.66 -14.85 -2.33
CA ALA A 552 2.98 -15.47 -2.49
C ALA A 552 2.99 -16.65 -3.49
N LEU A 553 1.87 -17.37 -3.56
CA LEU A 553 1.74 -18.48 -4.52
C LEU A 553 2.07 -18.03 -5.95
N HIS A 554 1.61 -16.83 -6.30
CA HIS A 554 1.86 -16.27 -7.62
C HIS A 554 3.33 -16.12 -7.98
N TYR A 555 4.18 -15.82 -7.00
CA TYR A 555 5.59 -15.58 -7.26
C TYR A 555 6.35 -16.90 -7.41
N HIS A 556 5.77 -17.97 -6.90
CA HIS A 556 6.29 -19.30 -7.14
C HIS A 556 5.93 -19.78 -8.53
N GLN A 557 4.82 -19.28 -9.06
CA GLN A 557 4.36 -19.72 -10.37
C GLN A 557 4.93 -18.88 -11.50
N VAL A 558 5.18 -17.61 -11.20
CA VAL A 558 5.70 -16.69 -12.18
C VAL A 558 7.12 -16.31 -11.82
N ASP A 559 8.02 -16.44 -12.79
CA ASP A 559 9.41 -16.07 -12.60
C ASP A 559 9.56 -14.60 -13.00
N VAL A 560 9.38 -13.70 -12.02
CA VAL A 560 9.32 -12.27 -12.30
C VAL A 560 10.61 -11.75 -12.92
N ALA A 561 11.74 -12.23 -12.41
CA ALA A 561 13.04 -11.83 -12.93
C ALA A 561 13.12 -12.14 -14.43
N ALA A 562 12.64 -13.31 -14.83
CA ALA A 562 12.64 -13.68 -16.24
C ALA A 562 11.64 -12.85 -17.03
N VAL A 563 10.46 -12.60 -16.45
CA VAL A 563 9.46 -11.78 -17.13
C VAL A 563 10.02 -10.39 -17.40
N GLN A 564 10.69 -9.83 -16.39
CA GLN A 564 11.29 -8.50 -16.51
C GLN A 564 12.39 -8.49 -17.56
N GLN A 565 13.25 -9.50 -17.55
CA GLN A 565 14.28 -9.61 -18.59
C GLN A 565 13.70 -9.51 -20.01
N GLY A 566 12.56 -10.15 -20.21
CA GLY A 566 11.89 -10.16 -21.50
C GLY A 566 11.15 -8.90 -21.91
N LEU A 567 10.75 -8.08 -20.94
CA LEU A 567 10.09 -6.83 -21.27
C LEU A 567 11.10 -5.74 -21.56
N ALA A 568 12.37 -6.00 -21.21
CA ALA A 568 13.45 -5.04 -21.40
C ALA A 568 13.47 -4.42 -22.81
N GLY A 569 13.58 -3.10 -22.85
CA GLY A 569 13.69 -2.38 -24.11
C GLY A 569 12.39 -2.13 -24.87
N LYS A 570 11.31 -2.78 -24.46
CA LYS A 570 10.04 -2.59 -25.17
C LYS A 570 9.27 -1.35 -24.67
N ARG A 571 8.57 -0.69 -25.59
CA ARG A 571 7.78 0.49 -25.25
C ARG A 571 6.36 0.22 -25.65
N ARG A 572 5.53 -0.13 -24.67
CA ARG A 572 4.20 -0.68 -24.94
C ARG A 572 3.06 0.32 -24.78
N ALA A 573 3.38 1.55 -24.38
CA ALA A 573 2.36 2.59 -24.29
C ALA A 573 2.82 3.89 -24.93
N THR A 574 1.98 4.49 -25.75
CA THR A 574 2.31 5.79 -26.32
C THR A 574 1.76 6.90 -25.43
N ILE A 575 2.31 8.09 -25.58
CA ILE A 575 1.78 9.26 -24.89
C ILE A 575 0.29 9.45 -25.20
N GLU A 576 -0.11 9.17 -26.44
CA GLU A 576 -1.51 9.31 -26.85
C GLU A 576 -2.41 8.35 -26.09
N GLN A 577 -1.91 7.15 -25.85
CA GLN A 577 -2.69 6.17 -25.10
C GLN A 577 -2.86 6.64 -23.65
N LEU A 578 -1.80 7.21 -23.06
CA LEU A 578 -1.85 7.69 -21.68
C LEU A 578 -2.88 8.80 -21.57
N LEU A 579 -2.98 9.58 -22.63
CA LEU A 579 -3.77 10.81 -22.64
C LEU A 579 -5.20 10.61 -23.10
N THR A 580 -5.61 9.35 -23.27
CA THR A 580 -6.96 9.06 -23.74
C THR A 580 -7.98 9.18 -22.63
N ILE A 581 -8.68 10.30 -22.60
CA ILE A 581 -9.61 10.62 -21.52
C ILE A 581 -10.82 9.68 -21.52
N PRO A 582 -11.21 9.16 -20.34
CA PRO A 582 -12.30 8.18 -20.25
C PRO A 582 -13.70 8.76 -20.37
N LEU A 583 -13.95 9.49 -21.45
CA LEU A 583 -15.24 10.11 -21.72
C LEU A 583 -16.26 9.05 -22.11
N ALA A 584 -17.48 9.14 -21.58
CA ALA A 584 -18.53 8.23 -22.02
C ALA A 584 -19.00 8.63 -23.42
N LYS A 585 -19.35 7.65 -24.24
CA LYS A 585 -19.97 7.92 -25.55
C LYS A 585 -21.33 8.52 -25.27
N GLU A 586 -21.90 9.17 -26.27
CA GLU A 586 -23.22 9.78 -26.07
C GLU A 586 -24.31 8.73 -25.88
N LEU A 587 -25.27 9.05 -25.00
CA LEU A 587 -26.37 8.16 -24.66
C LEU A 587 -25.90 6.77 -24.22
N ALA A 588 -24.91 6.74 -23.33
CA ALA A 588 -24.32 5.47 -22.91
C ALA A 588 -25.19 4.65 -21.96
N TRP A 589 -26.02 5.32 -21.16
CA TRP A 589 -26.72 4.64 -20.07
C TRP A 589 -28.23 4.85 -20.03
N ALA A 590 -28.93 3.74 -19.82
CA ALA A 590 -30.34 3.77 -19.49
C ALA A 590 -30.50 4.44 -18.13
N PRO A 591 -31.69 5.00 -17.86
CA PRO A 591 -31.93 5.70 -16.59
C PRO A 591 -31.80 4.80 -15.34
N ASP A 592 -32.10 3.52 -15.46
CA ASP A 592 -31.88 2.59 -14.35
C ASP A 592 -30.39 2.42 -14.04
N GLU A 593 -29.56 2.46 -15.08
CA GLU A 593 -28.12 2.30 -14.89
C GLU A 593 -27.52 3.56 -14.26
N ILE A 594 -28.03 4.72 -14.67
CA ILE A 594 -27.61 5.98 -14.05
C ILE A 594 -27.88 5.95 -12.55
N ARG A 595 -29.12 5.60 -12.20
CA ARG A 595 -29.52 5.48 -10.80
C ARG A 595 -28.66 4.49 -10.04
N GLU A 596 -28.29 3.40 -10.70
CA GLU A 596 -27.49 2.39 -10.04
C GLU A 596 -26.11 2.94 -9.71
N GLU A 597 -25.53 3.66 -10.65
CA GLU A 597 -24.19 4.23 -10.46
C GLU A 597 -24.15 5.28 -9.35
N VAL A 598 -25.17 6.14 -9.33
CA VAL A 598 -25.34 7.14 -8.28
C VAL A 598 -25.45 6.50 -6.90
N ASP A 599 -26.30 5.48 -6.77
CA ASP A 599 -26.46 4.77 -5.50
C ASP A 599 -25.14 4.11 -5.12
N ASN A 600 -24.47 3.53 -6.11
CA ASN A 600 -23.21 2.85 -5.84
C ASN A 600 -22.20 3.83 -5.25
N ASN A 601 -22.07 4.99 -5.89
CA ASN A 601 -21.10 5.97 -5.42
C ASN A 601 -21.46 6.62 -4.10
N CYS A 602 -22.74 6.92 -3.90
CA CYS A 602 -23.19 7.49 -2.64
C CYS A 602 -22.98 6.52 -1.47
N GLN A 603 -23.27 5.24 -1.71
CA GLN A 603 -23.06 4.24 -0.66
C GLN A 603 -21.57 4.17 -0.35
N SER A 604 -20.77 4.14 -1.41
CA SER A 604 -19.33 4.10 -1.25
C SER A 604 -18.82 5.25 -0.37
N ILE A 605 -19.26 6.47 -0.66
CA ILE A 605 -18.86 7.62 0.13
C ILE A 605 -19.35 7.54 1.57
N LEU A 606 -20.64 7.35 1.76
CA LEU A 606 -21.24 7.23 3.09
C LEU A 606 -20.57 6.14 3.94
N GLY A 607 -20.38 4.97 3.33
CA GLY A 607 -19.85 3.82 4.04
C GLY A 607 -18.47 4.09 4.62
N TYR A 608 -17.64 4.80 3.85
CA TYR A 608 -16.27 5.13 4.27
C TYR A 608 -16.25 6.37 5.19
N VAL A 609 -16.89 7.44 4.76
CA VAL A 609 -16.91 8.69 5.54
C VAL A 609 -17.46 8.49 6.95
N VAL A 610 -18.46 7.63 7.10
CA VAL A 610 -19.05 7.46 8.44
C VAL A 610 -18.05 6.91 9.46
N ARG A 611 -17.22 5.94 9.06
CA ARG A 611 -16.21 5.40 9.98
C ARG A 611 -15.06 6.39 10.20
N TRP A 612 -14.75 7.16 9.17
CA TRP A 612 -13.63 8.11 9.20
C TRP A 612 -13.98 9.26 10.14
N VAL A 613 -15.09 9.93 9.86
CA VAL A 613 -15.47 11.10 10.64
C VAL A 613 -15.86 10.79 12.09
N ASP A 614 -16.60 9.70 12.30
CA ASP A 614 -17.13 9.38 13.64
C ASP A 614 -16.16 8.60 14.53
N GLN A 615 -15.35 7.73 13.94
CA GLN A 615 -14.49 6.86 14.74
C GLN A 615 -13.00 6.97 14.43
N GLY A 616 -12.63 7.85 13.51
CA GLY A 616 -11.23 8.02 13.19
C GLY A 616 -10.62 6.77 12.58
N VAL A 617 -11.44 6.01 11.85
CA VAL A 617 -10.99 4.80 11.18
C VAL A 617 -10.82 5.09 9.70
N GLY A 618 -9.63 4.83 9.16
CA GLY A 618 -9.33 5.11 7.77
C GLY A 618 -9.20 3.89 6.88
N ALA A 619 -9.24 2.70 7.48
CA ALA A 619 -9.25 1.47 6.71
C ALA A 619 -9.92 0.36 7.49
N SER A 620 -10.83 -0.36 6.86
CA SER A 620 -11.59 -1.42 7.51
C SER A 620 -12.38 -2.17 6.45
N LYS A 621 -13.02 -3.25 6.87
CA LYS A 621 -13.83 -4.05 5.95
C LYS A 621 -15.19 -3.40 5.83
N VAL A 622 -15.37 -2.62 4.77
CA VAL A 622 -16.62 -1.92 4.53
C VAL A 622 -17.44 -2.67 3.49
N PRO A 623 -18.65 -3.13 3.86
CA PRO A 623 -19.49 -3.76 2.85
C PRO A 623 -19.93 -2.73 1.82
N ASP A 624 -19.90 -3.10 0.55
CA ASP A 624 -20.31 -2.17 -0.50
C ASP A 624 -21.81 -2.30 -0.69
N ILE A 625 -22.32 -1.77 -1.79
CA ILE A 625 -23.76 -1.76 -2.01
C ILE A 625 -24.35 -3.18 -2.07
N HIS A 626 -23.58 -4.12 -2.60
CA HIS A 626 -24.02 -5.52 -2.67
C HIS A 626 -23.42 -6.35 -1.55
N ASP A 627 -23.06 -5.67 -0.46
CA ASP A 627 -22.44 -6.31 0.71
C ASP A 627 -21.21 -7.18 0.42
N VAL A 628 -20.44 -6.84 -0.61
CA VAL A 628 -19.11 -7.43 -0.75
C VAL A 628 -18.18 -6.64 0.17
N ALA A 629 -17.34 -7.33 0.93
CA ALA A 629 -16.43 -6.66 1.86
C ALA A 629 -15.21 -6.07 1.13
N LEU A 630 -15.10 -4.75 1.11
CA LEU A 630 -13.92 -4.09 0.53
C LEU A 630 -13.09 -3.40 1.61
N MET A 631 -11.77 -3.56 1.49
CA MET A 631 -10.87 -2.80 2.34
C MET A 631 -10.15 -1.74 1.50
N GLU A 632 -10.84 -0.63 1.27
CA GLU A 632 -10.24 0.44 0.49
C GLU A 632 -9.66 1.49 1.42
N ASP A 633 -9.00 2.49 0.85
CA ASP A 633 -8.54 3.62 1.64
C ASP A 633 -9.23 4.88 1.11
N ARG A 634 -8.77 6.03 1.57
CA ARG A 634 -9.37 7.33 1.25
C ARG A 634 -9.52 7.59 -0.27
N ALA A 635 -8.69 6.95 -1.09
CA ALA A 635 -8.77 7.11 -2.56
C ALA A 635 -10.13 6.70 -3.13
N THR A 636 -10.83 5.79 -2.46
CA THR A 636 -12.15 5.41 -2.93
C THR A 636 -13.11 6.60 -2.89
N LEU A 637 -12.91 7.48 -1.91
CA LEU A 637 -13.68 8.71 -1.76
C LEU A 637 -13.36 9.72 -2.85
N ARG A 638 -12.08 9.84 -3.16
CA ARG A 638 -11.66 10.73 -4.25
C ARG A 638 -12.35 10.36 -5.56
N ILE A 639 -12.32 9.08 -5.93
CA ILE A 639 -12.96 8.62 -7.19
C ILE A 639 -14.47 8.86 -7.21
N SER A 640 -15.15 8.39 -6.17
CA SER A 640 -16.60 8.45 -6.15
C SER A 640 -17.10 9.88 -6.09
N SER A 641 -16.45 10.71 -5.28
CA SER A 641 -16.90 12.08 -5.16
C SER A 641 -16.63 12.85 -6.45
N GLN A 642 -15.50 12.57 -7.09
CA GLN A 642 -15.20 13.22 -8.36
C GLN A 642 -16.15 12.79 -9.49
N LEU A 643 -16.47 11.50 -9.53
CA LEU A 643 -17.36 10.97 -10.56
C LEU A 643 -18.73 11.60 -10.45
N LEU A 644 -19.30 11.62 -9.25
CA LEU A 644 -20.58 12.28 -9.04
C LEU A 644 -20.53 13.78 -9.34
N ALA A 645 -19.43 14.45 -8.96
CA ALA A 645 -19.26 15.87 -9.29
C ALA A 645 -19.20 16.06 -10.80
N ASN A 646 -18.53 15.13 -11.47
CA ASN A 646 -18.47 15.16 -12.93
C ASN A 646 -19.84 14.96 -13.56
N TRP A 647 -20.61 14.01 -13.03
CA TRP A 647 -21.95 13.76 -13.55
C TRP A 647 -22.91 14.93 -13.28
N LEU A 648 -22.76 15.54 -12.12
CA LEU A 648 -23.52 16.76 -11.78
C LEU A 648 -23.18 17.88 -12.78
N ARG A 649 -21.89 18.06 -13.00
CA ARG A 649 -21.38 19.16 -13.81
C ARG A 649 -21.85 19.11 -15.26
N HIS A 650 -22.00 17.90 -15.80
CA HIS A 650 -22.38 17.74 -17.19
C HIS A 650 -23.82 17.31 -17.38
N GLY A 651 -24.61 17.46 -16.33
CA GLY A 651 -26.03 17.23 -16.42
C GLY A 651 -26.50 15.80 -16.57
N VAL A 652 -25.69 14.84 -16.14
CA VAL A 652 -26.11 13.44 -16.16
C VAL A 652 -27.15 13.20 -15.09
N ILE A 653 -26.98 13.88 -13.95
CA ILE A 653 -27.86 13.72 -12.81
C ILE A 653 -28.16 15.11 -12.22
N THR A 654 -29.19 15.20 -11.38
CA THR A 654 -29.60 16.48 -10.83
C THR A 654 -29.19 16.53 -9.37
N SER A 655 -29.28 17.71 -8.77
CA SER A 655 -28.99 17.82 -7.34
C SER A 655 -30.00 17.05 -6.49
N ALA A 656 -31.22 16.88 -6.99
CA ALA A 656 -32.22 16.10 -6.25
C ALA A 656 -31.90 14.61 -6.31
N ASP A 657 -31.41 14.16 -7.46
CA ASP A 657 -30.92 12.80 -7.61
C ASP A 657 -29.89 12.48 -6.54
N VAL A 658 -28.92 13.37 -6.37
CA VAL A 658 -27.83 13.15 -5.42
C VAL A 658 -28.34 13.12 -3.97
N ARG A 659 -29.13 14.12 -3.59
CA ARG A 659 -29.67 14.14 -2.23
C ARG A 659 -30.50 12.90 -1.93
N ALA A 660 -31.33 12.48 -2.89
CA ALA A 660 -32.22 11.35 -2.63
C ALA A 660 -31.43 10.05 -2.51
N SER A 661 -30.39 9.91 -3.31
CA SER A 661 -29.53 8.72 -3.19
C SER A 661 -28.82 8.71 -1.84
N LEU A 662 -28.25 9.85 -1.43
CA LEU A 662 -27.63 9.93 -0.10
C LEU A 662 -28.61 9.55 0.99
N GLU A 663 -29.86 9.97 0.82
CA GLU A 663 -30.89 9.70 1.81
C GLU A 663 -31.37 8.25 1.79
N ARG A 664 -31.32 7.60 0.64
CA ARG A 664 -31.62 6.17 0.59
C ARG A 664 -30.43 5.33 1.08
N MET A 665 -29.23 5.75 0.72
CA MET A 665 -28.07 4.93 1.04
C MET A 665 -27.68 5.01 2.52
N ALA A 666 -27.96 6.14 3.15
CA ALA A 666 -27.62 6.33 4.56
C ALA A 666 -28.21 5.28 5.52
N PRO A 667 -29.52 4.99 5.42
CA PRO A 667 -30.06 3.94 6.30
C PRO A 667 -29.44 2.57 6.02
N LEU A 668 -29.13 2.29 4.75
CA LEU A 668 -28.48 1.03 4.42
C LEU A 668 -27.11 0.97 5.08
N VAL A 669 -26.33 2.05 4.98
CA VAL A 669 -25.04 2.10 5.66
C VAL A 669 -25.21 1.90 7.17
N ASP A 670 -26.20 2.58 7.76
CA ASP A 670 -26.50 2.38 9.18
C ASP A 670 -26.71 0.90 9.48
N ARG A 671 -27.57 0.25 8.71
CA ARG A 671 -27.90 -1.16 8.91
C ARG A 671 -26.65 -2.03 8.78
N GLN A 672 -25.80 -1.70 7.80
CA GLN A 672 -24.55 -2.42 7.55
C GLN A 672 -23.55 -2.33 8.72
N ASN A 673 -23.79 -1.38 9.61
CA ASN A 673 -22.91 -1.17 10.74
C ASN A 673 -23.55 -1.61 12.06
N ALA A 674 -24.60 -2.42 11.95
CA ALA A 674 -25.41 -2.78 13.11
C ALA A 674 -24.64 -3.50 14.22
N GLY A 675 -23.71 -4.37 13.85
CA GLY A 675 -22.95 -5.09 14.84
C GLY A 675 -21.85 -4.27 15.53
N ASP A 676 -21.99 -2.95 15.51
CA ASP A 676 -20.93 -2.07 16.02
C ASP A 676 -21.35 -1.21 17.20
N VAL A 677 -20.86 -1.59 18.38
CA VAL A 677 -21.19 -0.91 19.63
C VAL A 677 -21.13 0.61 19.56
N ALA A 678 -20.05 1.14 18.99
CA ALA A 678 -19.81 2.59 19.01
C ALA A 678 -20.50 3.34 17.87
N TYR A 679 -21.18 2.60 17.00
CA TYR A 679 -21.82 3.21 15.85
C TYR A 679 -23.00 4.09 16.27
N ARG A 680 -23.12 5.23 15.60
CA ARG A 680 -24.26 6.12 15.78
C ARG A 680 -24.88 6.44 14.41
N PRO A 681 -26.15 6.07 14.22
CA PRO A 681 -26.82 6.13 12.92
C PRO A 681 -26.90 7.52 12.29
N MET A 682 -26.85 7.59 10.95
CA MET A 682 -26.93 8.86 10.24
C MET A 682 -28.38 9.26 10.00
N ALA A 683 -29.19 8.26 9.68
CA ALA A 683 -30.61 8.46 9.41
C ALA A 683 -31.36 8.52 10.75
N PRO A 684 -32.42 9.34 10.82
CA PRO A 684 -32.99 10.13 9.73
C PRO A 684 -32.65 11.62 9.82
N ASN A 685 -31.90 12.03 10.84
CA ASN A 685 -31.64 13.45 11.05
C ASN A 685 -30.37 13.95 10.35
N PHE A 686 -30.37 13.84 9.03
CA PHE A 686 -29.19 14.07 8.21
C PHE A 686 -28.45 15.38 8.47
N ASP A 687 -29.16 16.45 8.79
CA ASP A 687 -28.48 17.72 9.06
C ASP A 687 -27.76 17.72 10.41
N ASP A 688 -28.04 16.72 11.23
CA ASP A 688 -27.40 16.61 12.53
C ASP A 688 -26.15 15.73 12.49
N SER A 689 -26.02 14.98 11.40
CA SER A 689 -24.89 14.06 11.22
C SER A 689 -23.74 14.76 10.51
N ILE A 690 -22.65 14.98 11.25
CA ILE A 690 -21.45 15.54 10.66
C ILE A 690 -20.96 14.64 9.53
N ALA A 691 -21.06 13.32 9.73
CA ALA A 691 -20.67 12.34 8.72
C ALA A 691 -21.46 12.55 7.43
N PHE A 692 -22.79 12.56 7.52
CA PHE A 692 -23.64 12.73 6.35
C PHE A 692 -23.34 14.02 5.57
N LEU A 693 -23.18 15.12 6.30
CA LEU A 693 -22.88 16.43 5.70
C LEU A 693 -21.49 16.46 5.06
N ALA A 694 -20.54 15.76 5.67
CA ALA A 694 -19.23 15.62 5.05
C ALA A 694 -19.39 14.92 3.69
N ALA A 695 -20.15 13.83 3.64
CA ALA A 695 -20.40 13.08 2.41
C ALA A 695 -21.00 13.99 1.36
N GLN A 696 -22.02 14.73 1.78
CA GLN A 696 -22.68 15.65 0.90
C GLN A 696 -21.73 16.74 0.44
N GLU A 697 -20.89 17.23 1.35
CA GLU A 697 -19.96 18.27 1.00
C GLU A 697 -18.92 17.80 -0.01
N LEU A 698 -18.42 16.58 0.16
CA LEU A 698 -17.45 16.01 -0.77
C LEU A 698 -18.00 16.02 -2.18
N ILE A 699 -19.27 15.68 -2.32
CA ILE A 699 -19.91 15.69 -3.64
C ILE A 699 -20.15 17.11 -4.20
N LEU A 700 -20.89 17.93 -3.45
CA LEU A 700 -21.30 19.23 -3.97
C LEU A 700 -20.16 20.22 -4.10
N SER A 701 -19.11 20.03 -3.31
CA SER A 701 -17.91 20.85 -3.41
C SER A 701 -16.82 20.16 -4.19
N GLY A 702 -17.09 18.93 -4.63
CA GLY A 702 -16.12 18.09 -5.33
C GLY A 702 -15.31 18.74 -6.43
N ALA A 703 -15.99 19.37 -7.39
CA ALA A 703 -15.32 19.98 -8.52
C ALA A 703 -14.36 21.09 -8.11
N GLN A 704 -14.58 21.65 -6.92
CA GLN A 704 -13.79 22.77 -6.42
C GLN A 704 -12.58 22.36 -5.58
N GLN A 705 -12.50 21.10 -5.19
CA GLN A 705 -11.37 20.66 -4.38
C GLN A 705 -10.11 20.57 -5.25
N PRO A 706 -8.94 20.91 -4.67
CA PRO A 706 -7.71 20.92 -5.47
C PRO A 706 -7.36 19.50 -5.91
N ASN A 707 -7.31 19.27 -7.23
CA ASN A 707 -7.09 17.94 -7.79
C ASN A 707 -8.05 16.88 -7.21
N GLY A 708 -9.22 17.31 -6.78
CA GLY A 708 -10.22 16.39 -6.25
C GLY A 708 -9.91 15.77 -4.90
N TYR A 709 -8.89 16.28 -4.22
CA TYR A 709 -8.48 15.72 -2.91
C TYR A 709 -9.56 15.85 -1.85
N THR A 710 -9.74 14.79 -1.06
CA THR A 710 -10.80 14.76 -0.06
C THR A 710 -10.37 15.22 1.35
N GLU A 711 -9.06 15.30 1.59
CA GLU A 711 -8.54 15.61 2.92
C GLU A 711 -9.01 16.95 3.51
N PRO A 712 -8.94 18.06 2.74
CA PRO A 712 -9.36 19.34 3.34
C PRO A 712 -10.75 19.26 3.97
N ILE A 713 -11.70 18.66 3.26
CA ILE A 713 -13.04 18.49 3.81
C ILE A 713 -13.09 17.47 4.93
N LEU A 714 -12.52 16.29 4.69
CA LEU A 714 -12.55 15.21 5.67
C LEU A 714 -11.93 15.62 6.99
N HIS A 715 -10.77 16.25 6.91
CA HIS A 715 -10.06 16.63 8.11
C HIS A 715 -10.89 17.63 8.90
N ARG A 716 -11.43 18.61 8.20
CA ARG A 716 -12.22 19.65 8.83
C ARG A 716 -13.38 19.00 9.56
N ARG A 717 -14.05 18.08 8.86
CA ARG A 717 -15.23 17.45 9.43
C ARG A 717 -14.90 16.51 10.57
N ARG A 718 -13.78 15.81 10.48
CA ARG A 718 -13.36 14.99 11.61
C ARG A 718 -13.03 15.87 12.83
N ARG A 719 -12.36 16.99 12.60
CA ARG A 719 -12.03 17.92 13.69
C ARG A 719 -13.30 18.49 14.31
N GLU A 720 -14.29 18.76 13.47
CA GLU A 720 -15.58 19.21 13.94
C GLU A 720 -16.23 18.14 14.81
N PHE A 721 -16.15 16.89 14.40
CA PHE A 721 -16.73 15.80 15.19
C PHE A 721 -16.06 15.66 16.55
N LYS A 722 -14.73 15.74 16.58
CA LYS A 722 -13.99 15.62 17.83
C LYS A 722 -14.35 16.74 18.79
N ALA A 723 -14.59 17.94 18.24
CA ALA A 723 -14.90 19.11 19.04
C ALA A 723 -16.30 19.03 19.63
N ARG A 724 -17.26 18.56 18.83
CA ARG A 724 -18.60 18.34 19.35
C ARG A 724 -18.55 17.30 20.45
N ALA A 725 -17.80 16.23 20.22
CA ALA A 725 -17.73 15.13 21.18
C ALA A 725 -17.14 15.57 22.52
N ALA A 726 -16.28 16.58 22.48
CA ALA A 726 -15.59 17.06 23.68
C ALA A 726 -16.52 17.85 24.62
N GLU A 727 -17.82 17.73 24.41
CA GLU A 727 -18.81 18.42 25.24
C GLU A 727 -20.18 17.78 25.10
#